data_5LRD
#
_entry.id   5LRD
#
_cell.length_a   128.540
_cell.length_b   128.540
_cell.length_c   116.300
_cell.angle_alpha   90.00
_cell.angle_beta   90.00
_cell.angle_gamma   90.00
#
_symmetry.space_group_name_H-M   'P 43 21 2'
#
loop_
_entity.id
_entity.type
_entity.pdbx_description
1 polymer 'Glycogen phosphorylase, muscle form'
2 non-polymer (2~{R},3~{S},4~{R},5~{R},6~{S})-2-(hydroxymethyl)-6-[5-(4-methylphenyl)-4~{H}-1,2,4-triazol-3-yl]oxane-3,4,5-triol
3 non-polymer "PYRIDOXAL-5'-PHOSPHATE"
4 non-polymer 'DIMETHYL SULFOXIDE'
5 water water
#
_entity_poly.entity_id   1
_entity_poly.type   'polypeptide(L)'
_entity_poly.pdbx_seq_one_letter_code
;MSRPLSDQEKRKQISVRGLAGVENVTELKKNFNRHLHFTLVKDRNVATPRDYYFALAHTVRDHLVGRWIRTQQHYYEKDP
KRIYYLSLEFYMGRTLQNTMVNLALENACDEATYQLGLDMEELEEIEEDAGLGNGGLGRLAACFLDSMATLGLAAYGYGI
RYEFGIFNQKICGGWQMEEADDWLRYGNPWEKARPEFTLPVHFYGRVEHTSQGAKWVDTQVVLAMPYDTPVPGYRNNVVN
TMRLWSAKAPNDFNLKDFNVGGYIQAVLDRNLAENISRVLYPNDNFFEGKELRLKQEYFVVAATLQDIIRRFKSSKFGCR
DPVRTNFDAFPDKVAIQLNDTHPSLAIPELMRVLVDLERLDWDKAWEVTVKTCAYTNHTVLPEALERWPVHLLETLLPRH
LQIIYEINQRFLNRVAAAFPGDVDRLRRMSLVEEGAVKRINMAHLCIAGSHAVNGVARIHSEILKKTIFKDFYELEPHKF
QNKTNGITPRRWLVLCNPGLAEIIAERIGEEYISDLDQLRKLLSYVDDEAFIRDVAKVKQENKLKFAAYLEREYKVHINP
NSLFDVQVKRIHEYKRQLLNCLHVITLYNRIKKEPNKFVVPRTVMIGGKAAPGYHMAKMIIKLITAIGDVVNHDPVVGDR
LRVIFLENYRVSLAEKVIPAADLSEQISTAGTEASGTGNMKFMLNGALTIGTMDGANVEMAEEAGEENFFIFGMRVEDVD
RLDQRGYNAQEYYDRIPELRQIIEQLSSGFFSPKQPDLFKDIVNMLMHHDRFKVFADYEEYVKCQERVSALYKNPREWTR
MVIRNIATSGKFSSDRTIAQYAREIWGVEPSRQRLPAPDEKIP
;
_entity_poly.pdbx_strand_id   A
#
loop_
_chem_comp.id
_chem_comp.type
_chem_comp.name
_chem_comp.formula
DMS non-polymer 'DIMETHYL SULFOXIDE' 'C2 H6 O S'
KS2 non-polymer (2~{R},3~{S},4~{R},5~{R},6~{S})-2-(hydroxymethyl)-6-[5-(4-methylphenyl)-4~{H}-1,2,4-triazol-3-yl]oxane-3,4,5-triol 'C15 H19 N3 O5'
PLP non-polymer PYRIDOXAL-5'-PHOSPHATE 'C8 H10 N O6 P'
#
# COMPACT_ATOMS: atom_id res chain seq x y z
N GLN A 13 -11.55 9.43 28.76
CA GLN A 13 -11.08 10.75 28.24
C GLN A 13 -11.99 11.28 27.11
N ILE A 14 -11.87 10.72 25.90
CA ILE A 14 -12.70 11.15 24.75
C ILE A 14 -13.71 10.06 24.34
N SER A 15 -14.87 10.52 23.87
CA SER A 15 -16.04 9.67 23.60
C SER A 15 -15.83 8.48 22.66
N VAL A 16 -15.23 8.74 21.49
CA VAL A 16 -15.03 7.68 20.47
C VAL A 16 -14.13 6.54 20.92
N ARG A 17 -13.37 6.75 21.99
CA ARG A 17 -12.48 5.71 22.51
C ARG A 17 -13.18 4.64 23.40
N GLY A 18 -14.50 4.75 23.56
CA GLY A 18 -15.29 3.74 24.27
C GLY A 18 -15.39 3.98 25.78
N LEU A 19 -16.03 3.04 26.47
CA LEU A 19 -16.25 3.15 27.93
C LEU A 19 -15.09 2.62 28.78
N ALA A 20 -14.89 3.23 29.95
CA ALA A 20 -13.92 2.74 30.94
C ALA A 20 -14.66 2.28 32.20
N GLY A 21 -15.47 1.24 32.07
CA GLY A 21 -16.24 0.68 33.19
C GLY A 21 -15.37 0.02 34.26
N VAL A 22 -15.75 0.22 35.52
CA VAL A 22 -14.97 -0.27 36.67
C VAL A 22 -14.67 -1.77 36.62
N GLU A 23 -15.66 -2.56 36.19
CA GLU A 23 -15.50 -4.01 36.07
C GLU A 23 -14.45 -4.38 35.01
N ASN A 24 -14.54 -3.71 33.87
CA ASN A 24 -13.61 -3.94 32.78
C ASN A 24 -12.20 -3.54 33.12
N VAL A 25 -12.05 -2.36 33.71
CA VAL A 25 -10.74 -1.85 34.11
C VAL A 25 -10.09 -2.79 35.13
N THR A 26 -10.90 -3.29 36.06
CA THR A 26 -10.41 -4.20 37.10
C THR A 26 -9.89 -5.51 36.48
N GLU A 27 -10.66 -6.07 35.56
CA GLU A 27 -10.31 -7.30 34.85
C GLU A 27 -9.04 -7.15 33.95
N LEU A 28 -8.93 -6.04 33.22
CA LEU A 28 -7.72 -5.73 32.44
C LEU A 28 -6.48 -5.62 33.31
N LYS A 29 -6.62 -4.99 34.48
CA LYS A 29 -5.49 -4.88 35.39
C LYS A 29 -5.01 -6.23 35.89
N LYS A 30 -5.92 -7.13 36.25
CA LYS A 30 -5.47 -8.40 36.77
C LYS A 30 -4.90 -9.29 35.67
N ASN A 31 -5.43 -9.19 34.46
CA ASN A 31 -4.89 -9.98 33.35
C ASN A 31 -3.54 -9.44 32.91
N PHE A 32 -3.34 -8.14 32.98
CA PHE A 32 -2.03 -7.54 32.72
C PHE A 32 -0.98 -8.11 33.70
N ASN A 33 -1.34 -8.16 34.97
CA ASN A 33 -0.41 -8.67 35.97
C ASN A 33 -0.15 -10.16 35.82
N ARG A 34 -1.19 -10.90 35.42
CA ARG A 34 -1.04 -12.31 35.16
C ARG A 34 -0.04 -12.56 34.01
N HIS A 35 -0.20 -11.83 32.89
CA HIS A 35 0.69 -12.05 31.76
C HIS A 35 2.12 -11.66 32.12
N LEU A 36 2.28 -10.59 32.88
CA LEU A 36 3.61 -10.12 33.22
C LEU A 36 4.37 -11.23 34.00
N HIS A 37 3.64 -11.93 34.86
CA HIS A 37 4.20 -12.96 35.73
C HIS A 37 4.32 -14.27 34.96
N PHE A 38 3.19 -14.82 34.55
CA PHE A 38 3.19 -16.13 33.90
C PHE A 38 3.68 -16.18 32.45
N THR A 39 3.40 -15.15 31.67
CA THR A 39 3.76 -15.18 30.24
C THR A 39 5.15 -14.64 30.02
N LEU A 40 5.45 -13.50 30.61
CA LEU A 40 6.73 -12.87 30.42
C LEU A 40 7.80 -13.35 31.41
N VAL A 41 7.37 -13.94 32.52
CA VAL A 41 8.28 -14.43 33.58
C VAL A 41 9.18 -13.30 34.06
N LYS A 42 8.55 -12.21 34.48
CA LYS A 42 9.22 -11.07 35.07
C LYS A 42 8.45 -10.65 36.32
N ASP A 43 9.11 -9.94 37.23
CA ASP A 43 8.41 -9.22 38.32
C ASP A 43 8.59 -7.75 38.05
N ARG A 44 7.72 -6.93 38.67
CA ARG A 44 7.70 -5.50 38.40
C ARG A 44 9.01 -4.78 38.69
N ASN A 45 9.91 -5.38 39.47
CA ASN A 45 11.15 -4.70 39.87
C ASN A 45 12.18 -4.65 38.77
N VAL A 46 12.11 -5.57 37.80
CA VAL A 46 13.07 -5.55 36.69
C VAL A 46 12.42 -5.46 35.30
N ALA A 47 11.12 -5.20 35.27
CA ALA A 47 10.39 -5.06 34.00
C ALA A 47 10.76 -3.75 33.33
N THR A 48 10.89 -3.79 32.01
CA THR A 48 11.15 -2.59 31.22
C THR A 48 9.89 -2.20 30.46
N PRO A 49 9.89 -1.00 29.86
CA PRO A 49 8.74 -0.64 29.04
C PRO A 49 8.39 -1.70 27.99
N ARG A 50 9.40 -2.40 27.43
CA ARG A 50 9.11 -3.44 26.43
C ARG A 50 8.32 -4.56 27.06
N ASP A 51 8.64 -4.93 28.30
CA ASP A 51 7.90 -5.99 28.98
C ASP A 51 6.46 -5.55 29.21
N TYR A 52 6.29 -4.28 29.56
CA TYR A 52 4.96 -3.74 29.76
C TYR A 52 4.13 -3.71 28.47
N TYR A 53 4.76 -3.32 27.36
CA TYR A 53 4.11 -3.44 26.07
C TYR A 53 3.63 -4.87 25.83
N PHE A 54 4.50 -5.87 26.01
CA PHE A 54 4.06 -7.24 25.74
C PHE A 54 2.96 -7.72 26.67
N ALA A 55 2.99 -7.26 27.93
CA ALA A 55 1.94 -7.67 28.84
C ALA A 55 0.60 -7.09 28.36
N LEU A 56 0.60 -5.85 27.89
CA LEU A 56 -0.65 -5.25 27.37
C LEU A 56 -1.12 -5.94 26.11
N ALA A 57 -0.17 -6.21 25.20
CA ALA A 57 -0.52 -6.89 23.95
C ALA A 57 -1.14 -8.25 24.21
N HIS A 58 -0.58 -9.04 25.12
CA HIS A 58 -1.19 -10.33 25.45
C HIS A 58 -2.57 -10.17 26.10
N THR A 59 -2.73 -9.14 26.91
CA THR A 59 -4.04 -8.88 27.56
C THR A 59 -5.12 -8.58 26.50
N VAL A 60 -4.78 -7.73 25.54
CA VAL A 60 -5.72 -7.37 24.45
C VAL A 60 -5.98 -8.58 23.53
N ARG A 61 -4.92 -9.32 23.22
CA ARG A 61 -5.02 -10.50 22.39
C ARG A 61 -6.02 -11.51 22.92
N ASP A 62 -6.05 -11.68 24.24
CA ASP A 62 -7.01 -12.61 24.86
C ASP A 62 -8.46 -12.28 24.46
N HIS A 63 -8.78 -11.01 24.32
CA HIS A 63 -10.13 -10.58 23.88
C HIS A 63 -10.51 -10.90 22.43
N LEU A 64 -9.52 -11.20 21.61
CA LEU A 64 -9.77 -11.61 20.22
C LEU A 64 -10.17 -13.06 20.11
N VAL A 65 -9.73 -13.87 21.05
CA VAL A 65 -9.74 -15.33 20.89
C VAL A 65 -11.11 -15.92 20.72
N GLY A 66 -12.03 -15.57 21.63
CA GLY A 66 -13.38 -16.09 21.56
C GLY A 66 -14.06 -15.71 20.27
N ARG A 67 -13.87 -14.46 19.88
CA ARG A 67 -14.49 -13.94 18.68
C ARG A 67 -13.92 -14.61 17.43
N TRP A 68 -12.62 -14.87 17.45
CA TRP A 68 -11.94 -15.54 16.34
C TRP A 68 -12.44 -16.98 16.14
N ILE A 69 -12.49 -17.75 17.23
CA ILE A 69 -12.98 -19.12 17.17
C ILE A 69 -14.44 -19.15 16.71
N ARG A 70 -15.24 -18.24 17.24
CA ARG A 70 -16.67 -18.23 16.95
C ARG A 70 -16.94 -17.79 15.52
N THR A 71 -16.17 -16.79 15.05
CA THR A 71 -16.31 -16.38 13.65
C THR A 71 -16.02 -17.54 12.72
N GLN A 72 -14.90 -18.22 12.93
CA GLN A 72 -14.51 -19.29 11.99
C GLN A 72 -15.48 -20.49 12.07
N GLN A 73 -15.99 -20.77 13.26
CA GLN A 73 -17.05 -21.79 13.46
C GLN A 73 -18.31 -21.42 12.68
N HIS A 74 -18.72 -20.16 12.78
CA HIS A 74 -19.87 -19.61 12.06
C HIS A 74 -19.74 -19.83 10.55
N TYR A 75 -18.57 -19.58 9.96
CA TYR A 75 -18.39 -19.79 8.52
C TYR A 75 -18.47 -21.28 8.16
N TYR A 76 -17.96 -22.12 9.03
CA TYR A 76 -18.05 -23.57 8.82
C TYR A 76 -19.52 -24.04 8.77
N GLU A 77 -20.37 -23.46 9.61
CA GLU A 77 -21.78 -23.88 9.74
C GLU A 77 -22.63 -23.33 8.62
N LYS A 78 -22.56 -22.01 8.42
CA LYS A 78 -23.31 -21.30 7.39
C LYS A 78 -22.80 -21.52 5.95
N ASP A 79 -21.53 -21.92 5.81
CA ASP A 79 -20.92 -22.17 4.51
C ASP A 79 -21.21 -21.07 3.45
N PRO A 80 -20.87 -19.80 3.78
CA PRO A 80 -21.04 -18.73 2.80
C PRO A 80 -19.98 -18.84 1.72
N LYS A 81 -20.18 -18.11 0.63
CA LYS A 81 -19.11 -17.96 -0.35
C LYS A 81 -17.88 -17.30 0.30
N ARG A 82 -16.72 -17.90 0.06
CA ARG A 82 -15.48 -17.42 0.65
C ARG A 82 -14.68 -16.58 -0.33
N ILE A 83 -14.09 -15.51 0.16
CA ILE A 83 -13.30 -14.58 -0.64
C ILE A 83 -11.83 -14.75 -0.25
N TYR A 84 -10.99 -15.05 -1.24
CA TYR A 84 -9.56 -15.24 -1.01
C TYR A 84 -8.80 -14.14 -1.72
N TYR A 85 -8.15 -13.29 -0.94
CA TYR A 85 -7.43 -12.13 -1.46
C TYR A 85 -5.95 -12.50 -1.43
N LEU A 86 -5.35 -12.72 -2.60
CA LEU A 86 -3.97 -13.20 -2.73
C LEU A 86 -3.08 -12.03 -3.03
N SER A 87 -2.06 -11.81 -2.22
CA SER A 87 -1.15 -10.70 -2.41
C SER A 87 0.22 -11.11 -1.96
N LEU A 88 1.24 -10.58 -2.63
CA LEU A 88 2.58 -10.80 -2.13
C LEU A 88 2.95 -9.81 -1.03
N GLU A 89 2.07 -8.83 -0.77
CA GLU A 89 2.38 -7.77 0.17
C GLU A 89 1.18 -7.46 1.02
N PHE A 90 1.42 -7.36 2.34
CA PHE A 90 0.39 -6.86 3.28
C PHE A 90 1.12 -5.90 4.20
N TYR A 91 0.90 -4.61 4.06
CA TYR A 91 1.64 -3.63 4.83
C TYR A 91 0.78 -3.25 6.06
N MET A 92 0.93 -3.98 7.16
CA MET A 92 -0.06 -3.93 8.26
C MET A 92 0.21 -2.83 9.27
N GLY A 93 1.47 -2.45 9.45
CA GLY A 93 1.86 -1.52 10.49
C GLY A 93 1.69 -2.16 11.86
N ARG A 94 1.45 -1.33 12.88
CA ARG A 94 1.24 -1.81 14.25
C ARG A 94 -0.18 -2.31 14.45
N THR A 95 -0.36 -3.24 15.38
CA THR A 95 -1.63 -3.94 15.61
C THR A 95 -2.30 -3.56 16.95
N LEU A 96 -1.54 -3.13 17.95
CA LEU A 96 -2.14 -2.98 19.30
C LEU A 96 -3.30 -1.97 19.32
N GLN A 97 -3.03 -0.76 18.85
CA GLN A 97 -4.05 0.31 18.91
C GLN A 97 -5.23 -0.04 18.04
N ASN A 98 -4.96 -0.58 16.86
CA ASN A 98 -6.05 -0.95 15.95
C ASN A 98 -6.99 -1.98 16.56
N THR A 99 -6.40 -2.92 17.29
CA THR A 99 -7.20 -3.95 17.90
C THR A 99 -8.08 -3.35 19.02
N MET A 100 -7.50 -2.46 19.81
CA MET A 100 -8.24 -1.78 20.89
C MET A 100 -9.37 -0.95 20.29
N VAL A 101 -9.09 -0.22 19.22
CA VAL A 101 -10.12 0.58 18.53
C VAL A 101 -11.28 -0.29 18.07
N ASN A 102 -10.98 -1.38 17.35
CA ASN A 102 -12.03 -2.23 16.81
C ASN A 102 -12.82 -3.05 17.84
N LEU A 103 -12.25 -3.23 19.03
CA LEU A 103 -12.93 -3.96 20.08
C LEU A 103 -13.58 -3.04 21.14
N ALA A 104 -13.43 -1.73 20.96
CA ALA A 104 -13.92 -0.68 21.87
C ALA A 104 -13.26 -0.75 23.25
N LEU A 105 -11.96 -1.02 23.27
CA LEU A 105 -11.20 -1.22 24.52
C LEU A 105 -10.20 -0.13 24.82
N GLU A 106 -10.10 0.88 23.97
CA GLU A 106 -9.06 1.88 24.11
C GLU A 106 -9.12 2.66 25.45
N ASN A 107 -10.29 3.18 25.81
CA ASN A 107 -10.36 4.00 27.04
C ASN A 107 -10.14 3.13 28.29
N ALA A 108 -10.71 1.94 28.29
CA ALA A 108 -10.53 0.98 29.38
C ALA A 108 -9.06 0.61 29.59
N CYS A 109 -8.34 0.33 28.50
CA CYS A 109 -6.90 0.02 28.61
C CYS A 109 -6.11 1.24 29.06
N ASP A 110 -6.54 2.42 28.61
CA ASP A 110 -5.86 3.65 28.99
C ASP A 110 -5.97 3.82 30.51
N GLU A 111 -7.16 3.59 31.02
CA GLU A 111 -7.47 3.70 32.46
C GLU A 111 -6.74 2.61 33.26
N ALA A 112 -6.81 1.37 32.79
CA ALA A 112 -6.10 0.27 33.46
C ALA A 112 -4.61 0.53 33.56
N THR A 113 -3.99 0.92 32.46
CA THR A 113 -2.55 1.18 32.47
C THR A 113 -2.19 2.42 33.32
N TYR A 114 -3.05 3.45 33.27
CA TYR A 114 -2.85 4.67 34.08
C TYR A 114 -2.81 4.31 35.58
N GLN A 115 -3.73 3.47 36.00
CA GLN A 115 -3.82 2.99 37.41
C GLN A 115 -2.65 2.11 37.83
N LEU A 116 -1.99 1.48 36.87
CA LEU A 116 -0.77 0.71 37.11
C LEU A 116 0.47 1.60 37.07
N GLY A 117 0.30 2.89 36.78
CA GLY A 117 1.41 3.83 36.73
C GLY A 117 2.13 3.87 35.39
N LEU A 118 1.42 3.51 34.32
CA LEU A 118 2.00 3.44 32.98
C LEU A 118 1.32 4.37 32.01
N ASP A 119 2.09 4.87 31.04
CA ASP A 119 1.57 5.70 29.95
C ASP A 119 1.40 4.81 28.72
N MET A 120 0.16 4.57 28.34
CA MET A 120 -0.15 3.64 27.26
C MET A 120 0.41 4.09 25.92
N GLU A 121 0.50 5.40 25.72
CA GLU A 121 1.01 5.98 24.47
C GLU A 121 2.46 5.61 24.30
N GLU A 122 3.18 5.60 25.41
CA GLU A 122 4.59 5.22 25.44
C GLU A 122 4.76 3.73 25.10
N LEU A 123 3.87 2.89 25.63
CA LEU A 123 3.96 1.45 25.35
C LEU A 123 3.65 1.16 23.87
N GLU A 124 2.72 1.92 23.29
CA GLU A 124 2.34 1.74 21.87
C GLU A 124 3.54 1.98 20.94
N GLU A 125 4.43 2.89 21.31
CA GLU A 125 5.60 3.23 20.49
C GLU A 125 6.66 2.14 20.44
N ILE A 126 6.56 1.15 21.33
CA ILE A 126 7.50 0.06 21.35
C ILE A 126 7.23 -0.97 20.25
N GLU A 127 5.99 -1.10 19.83
CA GLU A 127 5.64 -2.15 18.86
C GLU A 127 6.32 -1.89 17.50
N GLU A 128 6.85 -2.94 16.89
CA GLU A 128 7.45 -2.86 15.54
C GLU A 128 6.32 -2.77 14.50
N ASP A 129 6.46 -1.96 13.46
CA ASP A 129 5.58 -2.17 12.27
C ASP A 129 5.73 -3.54 11.70
N ALA A 130 4.64 -4.16 11.31
CA ALA A 130 4.75 -5.28 10.42
C ALA A 130 4.88 -4.70 9.00
N GLY A 131 6.10 -4.63 8.50
CA GLY A 131 6.39 -3.97 7.24
C GLY A 131 6.47 -4.91 6.03
N LEU A 132 5.43 -5.73 5.81
CA LEU A 132 5.48 -6.76 4.76
C LEU A 132 4.97 -6.22 3.42
N GLY A 133 5.33 -4.98 3.14
CA GLY A 133 4.99 -4.33 1.88
C GLY A 133 5.86 -3.15 1.57
N ASN A 134 5.75 -2.66 0.33
CA ASN A 134 6.58 -1.59 -0.15
C ASN A 134 5.95 -0.23 0.02
N GLY A 135 4.63 -0.15 -0.12
CA GLY A 135 3.96 1.15 -0.19
C GLY A 135 2.48 0.96 -0.39
N GLY A 136 1.96 1.61 -1.41
CA GLY A 136 0.51 1.72 -1.63
C GLY A 136 -0.20 0.41 -1.90
N LEU A 137 0.42 -0.48 -2.67
CA LEU A 137 -0.23 -1.74 -3.00
C LEU A 137 -0.35 -2.63 -1.77
N GLY A 138 0.71 -2.70 -0.98
CA GLY A 138 0.72 -3.46 0.24
C GLY A 138 -0.25 -2.90 1.28
N ARG A 139 -0.33 -1.58 1.34
CA ARG A 139 -1.17 -0.93 2.35
C ARG A 139 -2.63 -1.00 1.94
N LEU A 140 -2.91 -1.01 0.63
CA LEU A 140 -4.27 -1.25 0.15
C LEU A 140 -4.79 -2.60 0.60
N ALA A 141 -3.97 -3.64 0.46
CA ALA A 141 -4.35 -4.93 0.91
C ALA A 141 -4.70 -4.89 2.41
N ALA A 142 -3.95 -4.15 3.20
CA ALA A 142 -4.24 -4.08 4.63
C ALA A 142 -5.55 -3.34 4.94
N CYS A 143 -5.79 -2.22 4.27
CA CYS A 143 -7.08 -1.52 4.42
C CYS A 143 -8.23 -2.39 3.99
N PHE A 144 -8.03 -3.16 2.91
CA PHE A 144 -9.05 -4.05 2.41
C PHE A 144 -9.40 -5.12 3.43
N LEU A 145 -8.41 -5.69 4.12
CA LEU A 145 -8.72 -6.71 5.12
C LEU A 145 -9.60 -6.15 6.23
N ASP A 146 -9.26 -4.97 6.69
CA ASP A 146 -10.02 -4.25 7.73
C ASP A 146 -11.46 -4.03 7.26
N SER A 147 -11.64 -3.55 6.02
CA SER A 147 -13.01 -3.35 5.49
C SER A 147 -13.79 -4.65 5.29
N MET A 148 -13.13 -5.72 4.81
CA MET A 148 -13.85 -6.97 4.62
C MET A 148 -14.39 -7.53 5.95
N ALA A 149 -13.61 -7.39 7.02
CA ALA A 149 -14.03 -7.83 8.36
C ALA A 149 -15.17 -6.95 8.89
N THR A 150 -15.07 -5.65 8.63
CA THR A 150 -16.09 -4.66 9.09
C THR A 150 -17.41 -4.88 8.35
N LEU A 151 -17.35 -5.36 7.12
CA LEU A 151 -18.53 -5.65 6.33
C LEU A 151 -18.99 -7.09 6.40
N GLY A 152 -18.44 -7.86 7.32
CA GLY A 152 -18.92 -9.21 7.58
C GLY A 152 -18.72 -10.24 6.50
N LEU A 153 -17.70 -10.07 5.65
CA LEU A 153 -17.46 -10.98 4.56
C LEU A 153 -16.59 -12.10 5.06
N ALA A 154 -16.83 -13.31 4.55
CA ALA A 154 -16.04 -14.49 4.91
C ALA A 154 -14.74 -14.44 4.08
N ALA A 155 -13.81 -13.61 4.50
CA ALA A 155 -12.66 -13.28 3.67
C ALA A 155 -11.36 -13.67 4.34
N TYR A 156 -10.42 -14.09 3.51
CA TYR A 156 -9.11 -14.56 3.96
C TYR A 156 -8.05 -13.86 3.15
N GLY A 157 -7.04 -13.30 3.82
CA GLY A 157 -5.89 -12.71 3.16
C GLY A 157 -4.80 -13.76 3.19
N TYR A 158 -4.17 -14.02 2.04
CA TYR A 158 -3.11 -15.03 1.94
C TYR A 158 -1.88 -14.40 1.33
N GLY A 159 -0.75 -14.64 1.98
CA GLY A 159 0.52 -14.07 1.57
C GLY A 159 1.71 -14.88 2.08
N ILE A 160 2.85 -14.20 2.15
CA ILE A 160 4.10 -14.77 2.64
C ILE A 160 4.53 -14.07 3.91
N ARG A 161 4.92 -14.87 4.88
CA ARG A 161 5.48 -14.34 6.11
C ARG A 161 6.97 -14.10 5.91
N TYR A 162 7.33 -12.92 5.46
CA TYR A 162 8.73 -12.62 5.23
C TYR A 162 9.40 -12.49 6.58
N GLU A 163 10.58 -13.08 6.73
CA GLU A 163 11.39 -12.86 7.92
C GLU A 163 11.90 -11.42 8.03
N PHE A 164 12.17 -10.80 6.88
CA PHE A 164 12.65 -9.43 6.80
C PHE A 164 11.70 -8.68 5.86
N GLY A 165 11.07 -7.65 6.37
CA GLY A 165 10.14 -6.85 5.58
C GLY A 165 10.91 -5.74 4.88
N ILE A 166 10.23 -4.63 4.63
CA ILE A 166 10.88 -3.54 3.93
C ILE A 166 12.02 -3.02 4.83
N PHE A 167 13.18 -2.77 4.24
CA PHE A 167 14.34 -2.34 5.01
C PHE A 167 14.13 -1.06 5.84
N ASN A 168 14.83 -0.95 6.95
CA ASN A 168 14.91 0.29 7.68
C ASN A 168 15.89 1.23 6.98
N GLN A 169 15.46 2.46 6.76
CA GLN A 169 16.26 3.47 6.08
C GLN A 169 17.01 4.34 7.09
N LYS A 170 18.34 4.41 6.95
CA LYS A 170 19.15 5.39 7.70
C LYS A 170 19.70 6.37 6.70
N ILE A 171 19.85 7.62 7.09
CA ILE A 171 20.50 8.63 6.24
C ILE A 171 21.87 8.91 6.84
N CYS A 172 22.91 8.67 6.04
CA CYS A 172 24.28 8.86 6.46
CA CYS A 172 24.30 8.83 6.45
C CYS A 172 24.98 9.74 5.45
N GLY A 173 25.42 10.92 5.90
CA GLY A 173 26.02 11.89 5.00
C GLY A 173 25.08 12.33 3.89
N GLY A 174 23.79 12.34 4.18
CA GLY A 174 22.77 12.69 3.20
C GLY A 174 22.37 11.57 2.24
N TRP A 175 22.99 10.39 2.36
CA TRP A 175 22.70 9.25 1.50
C TRP A 175 21.85 8.19 2.20
N GLN A 176 20.96 7.55 1.47
CA GLN A 176 20.26 6.38 2.02
C GLN A 176 21.21 5.20 2.24
N MET A 177 21.14 4.63 3.44
CA MET A 177 21.71 3.32 3.77
C MET A 177 20.55 2.38 4.18
N GLU A 178 20.68 1.10 3.88
CA GLU A 178 19.65 0.11 4.20
C GLU A 178 20.10 -0.78 5.36
N GLU A 179 19.19 -1.08 6.28
CA GLU A 179 19.43 -2.06 7.33
C GLU A 179 18.30 -3.04 7.32
N ALA A 180 18.62 -4.30 7.58
CA ALA A 180 17.59 -5.32 7.63
C ALA A 180 16.55 -5.01 8.72
N ASP A 181 15.30 -5.25 8.39
CA ASP A 181 14.16 -5.05 9.29
C ASP A 181 13.89 -6.39 9.99
N ASP A 182 14.55 -6.59 11.11
CA ASP A 182 14.46 -7.82 11.88
C ASP A 182 13.23 -7.73 12.78
N TRP A 183 12.05 -7.63 12.16
CA TRP A 183 10.83 -7.31 12.90
C TRP A 183 10.39 -8.40 13.87
N LEU A 184 10.92 -9.62 13.73
CA LEU A 184 10.49 -10.73 14.58
C LEU A 184 11.42 -10.98 15.76
N ARG A 185 12.41 -10.13 15.93
CA ARG A 185 13.47 -10.35 16.91
C ARG A 185 12.91 -10.59 18.30
N TYR A 186 11.95 -9.76 18.71
CA TYR A 186 11.36 -9.86 20.05
C TYR A 186 10.11 -10.71 20.09
N GLY A 187 9.73 -11.31 18.97
CA GLY A 187 8.52 -12.10 18.88
C GLY A 187 7.36 -11.29 18.33
N ASN A 188 6.38 -11.98 17.76
CA ASN A 188 5.17 -11.35 17.25
C ASN A 188 3.99 -11.95 17.98
N PRO A 189 3.41 -11.21 18.93
CA PRO A 189 2.35 -11.79 19.72
C PRO A 189 1.04 -11.98 18.99
N TRP A 190 0.91 -11.39 17.81
CA TRP A 190 -0.35 -11.37 17.08
C TRP A 190 -0.54 -12.59 16.21
N GLU A 191 0.55 -13.26 15.83
CA GLU A 191 0.43 -14.44 14.97
C GLU A 191 0.34 -15.74 15.77
N LYS A 192 -0.30 -16.72 15.18
CA LYS A 192 -0.34 -18.09 15.71
C LYS A 192 0.18 -19.05 14.66
N ALA A 193 1.31 -19.68 14.94
CA ALA A 193 1.84 -20.72 14.08
C ALA A 193 0.92 -21.88 14.04
N ARG A 194 0.72 -22.46 12.85
CA ARG A 194 -0.12 -23.62 12.72
C ARG A 194 0.63 -24.74 12.01
N PRO A 195 1.70 -25.26 12.64
CA PRO A 195 2.54 -26.28 11.99
C PRO A 195 1.77 -27.55 11.58
N GLU A 196 0.64 -27.81 12.22
CA GLU A 196 -0.19 -28.96 11.87
C GLU A 196 -0.86 -28.88 10.50
N PHE A 197 -0.90 -27.69 9.90
CA PHE A 197 -1.54 -27.50 8.59
C PHE A 197 -0.50 -27.20 7.48
N THR A 198 0.72 -27.64 7.71
CA THR A 198 1.80 -27.55 6.76
C THR A 198 1.51 -28.36 5.50
N LEU A 199 1.85 -27.79 4.34
CA LEU A 199 1.53 -28.36 3.03
C LEU A 199 2.76 -28.37 2.13
N PRO A 200 2.87 -29.36 1.24
CA PRO A 200 4.00 -29.42 0.32
C PRO A 200 3.82 -28.56 -0.92
N VAL A 201 4.93 -27.96 -1.38
CA VAL A 201 4.99 -27.20 -2.62
C VAL A 201 6.11 -27.76 -3.46
N HIS A 202 5.81 -27.95 -4.75
CA HIS A 202 6.77 -28.58 -5.68
C HIS A 202 7.45 -27.62 -6.63
N PHE A 203 8.72 -27.91 -6.94
CA PHE A 203 9.52 -27.10 -7.85
C PHE A 203 10.37 -28.02 -8.75
N TYR A 204 10.75 -27.48 -9.90
CA TYR A 204 11.63 -28.17 -10.89
C TYR A 204 10.95 -29.42 -11.44
N GLY A 205 11.71 -30.52 -11.58
CA GLY A 205 11.11 -31.77 -12.05
C GLY A 205 10.92 -31.79 -13.55
N ARG A 206 10.01 -32.66 -14.00
CA ARG A 206 9.74 -32.80 -15.43
C ARG A 206 8.36 -33.37 -15.63
N VAL A 207 7.84 -33.27 -16.85
CA VAL A 207 6.50 -33.75 -17.14
C VAL A 207 6.58 -35.09 -17.87
N GLU A 208 5.78 -36.04 -17.39
CA GLU A 208 5.66 -37.37 -17.97
C GLU A 208 4.24 -37.50 -18.52
N HIS A 209 4.11 -37.98 -19.76
CA HIS A 209 2.77 -38.20 -20.35
C HIS A 209 2.41 -39.68 -20.32
N THR A 210 1.38 -40.03 -19.56
CA THR A 210 0.91 -41.41 -19.44
C THR A 210 -0.35 -41.60 -20.28
N SER A 211 -0.96 -42.79 -20.15
CA SER A 211 -2.23 -43.11 -20.78
C SER A 211 -3.33 -42.16 -20.31
N GLN A 212 -3.36 -41.92 -19.00
CA GLN A 212 -4.36 -41.03 -18.40
C GLN A 212 -3.71 -39.75 -17.87
N GLY A 213 -3.31 -38.89 -18.79
CA GLY A 213 -2.89 -37.53 -18.48
C GLY A 213 -1.42 -37.31 -18.17
N ALA A 214 -1.10 -36.04 -17.94
CA ALA A 214 0.24 -35.62 -17.59
C ALA A 214 0.49 -35.87 -16.10
N LYS A 215 1.76 -36.03 -15.76
CA LYS A 215 2.20 -36.23 -14.38
C LYS A 215 3.47 -35.41 -14.21
N TRP A 216 3.54 -34.63 -13.13
CA TRP A 216 4.70 -33.81 -12.82
C TRP A 216 5.51 -34.56 -11.78
N VAL A 217 6.70 -35.00 -12.15
CA VAL A 217 7.50 -35.91 -11.32
C VAL A 217 8.90 -35.41 -11.12
N ASP A 218 9.63 -36.08 -10.21
CA ASP A 218 11.04 -35.78 -9.88
C ASP A 218 11.22 -34.36 -9.35
N THR A 219 10.22 -33.89 -8.61
CA THR A 219 10.25 -32.53 -8.09
C THR A 219 11.04 -32.42 -6.77
N GLN A 220 11.48 -31.21 -6.48
CA GLN A 220 12.03 -30.83 -5.18
C GLN A 220 10.84 -30.33 -4.37
N VAL A 221 10.73 -30.75 -3.12
CA VAL A 221 9.63 -30.36 -2.25
C VAL A 221 10.10 -29.30 -1.24
N VAL A 222 9.31 -28.24 -1.06
CA VAL A 222 9.51 -27.28 0.02
C VAL A 222 8.18 -27.24 0.80
N LEU A 223 8.24 -27.19 2.14
CA LEU A 223 7.00 -27.17 2.92
C LEU A 223 6.58 -25.74 3.16
N ALA A 224 5.26 -25.52 3.20
CA ALA A 224 4.67 -24.23 3.49
C ALA A 224 3.96 -24.39 4.83
N MET A 225 4.45 -23.68 5.81
CA MET A 225 3.88 -23.68 7.16
C MET A 225 3.12 -22.38 7.38
N PRO A 226 1.82 -22.48 7.76
CA PRO A 226 1.03 -21.26 7.93
C PRO A 226 1.14 -20.62 9.30
N TYR A 227 1.11 -19.29 9.32
CA TYR A 227 0.95 -18.50 10.54
C TYR A 227 -0.29 -17.66 10.35
N ASP A 228 -1.18 -17.71 11.32
CA ASP A 228 -2.49 -17.04 11.23
C ASP A 228 -2.50 -15.79 12.11
N THR A 229 -2.97 -14.68 11.56
CA THR A 229 -3.08 -13.42 12.28
C THR A 229 -4.55 -13.02 12.24
N PRO A 230 -5.11 -12.66 13.41
CA PRO A 230 -6.52 -12.19 13.42
C PRO A 230 -6.72 -10.78 12.85
N VAL A 231 -7.86 -10.59 12.19
CA VAL A 231 -8.21 -9.34 11.57
C VAL A 231 -9.60 -8.96 12.09
N PRO A 232 -9.64 -8.09 13.10
CA PRO A 232 -10.93 -7.74 13.71
C PRO A 232 -11.71 -6.72 12.91
N GLY A 233 -13.01 -6.91 12.78
CA GLY A 233 -13.85 -5.87 12.18
C GLY A 233 -14.19 -4.80 13.22
N TYR A 234 -14.75 -3.68 12.78
CA TYR A 234 -15.05 -2.57 13.70
C TYR A 234 -16.34 -2.83 14.48
N ARG A 235 -16.14 -3.19 15.74
CA ARG A 235 -17.25 -3.35 16.70
C ARG A 235 -18.39 -4.26 16.27
N ASN A 236 -18.07 -5.30 15.50
CA ASN A 236 -19.09 -6.24 15.05
C ASN A 236 -18.83 -7.69 15.47
N ASN A 237 -17.81 -7.88 16.30
CA ASN A 237 -17.35 -9.18 16.79
C ASN A 237 -16.94 -10.17 15.70
N VAL A 238 -16.63 -9.69 14.50
CA VAL A 238 -16.13 -10.54 13.42
C VAL A 238 -14.60 -10.49 13.50
N VAL A 239 -13.97 -11.67 13.39
CA VAL A 239 -12.49 -11.74 13.39
C VAL A 239 -12.18 -12.72 12.27
N ASN A 240 -11.61 -12.16 11.20
CA ASN A 240 -11.23 -12.93 10.04
C ASN A 240 -9.75 -13.26 10.17
N THR A 241 -9.23 -13.97 9.17
CA THR A 241 -7.86 -14.49 9.24
C THR A 241 -7.02 -13.98 8.09
N MET A 242 -5.78 -13.60 8.40
CA MET A 242 -4.71 -13.44 7.38
C MET A 242 -3.76 -14.61 7.58
N ARG A 243 -3.59 -15.45 6.57
CA ARG A 243 -2.73 -16.63 6.65
C ARG A 243 -1.48 -16.37 5.81
N LEU A 244 -0.31 -16.38 6.44
CA LEU A 244 0.96 -16.08 5.79
C LEU A 244 1.84 -17.33 5.86
N TRP A 245 2.39 -17.74 4.70
CA TRP A 245 3.11 -18.99 4.59
C TRP A 245 4.59 -18.73 4.82
N SER A 246 5.24 -19.66 5.54
CA SER A 246 6.68 -19.66 5.80
C SER A 246 7.30 -20.92 5.21
N ALA A 247 8.49 -20.81 4.62
CA ALA A 247 9.12 -21.93 3.90
C ALA A 247 9.94 -22.79 4.86
N LYS A 248 9.73 -24.10 4.82
CA LYS A 248 10.51 -25.04 5.65
C LYS A 248 11.04 -26.18 4.79
N ALA A 249 12.23 -26.66 5.08
CA ALA A 249 12.74 -27.81 4.34
C ALA A 249 12.18 -29.10 4.91
N PRO A 250 11.91 -30.10 4.07
CA PRO A 250 11.58 -31.42 4.65
C PRO A 250 12.75 -32.05 5.42
N ASN A 251 12.48 -32.96 6.35
CA ASN A 251 13.53 -33.48 7.25
C ASN A 251 14.53 -34.44 6.62
N ASP A 252 14.14 -35.03 5.49
CA ASP A 252 15.09 -35.79 4.69
C ASP A 252 15.74 -34.93 3.61
N PHE A 253 15.60 -33.60 3.68
CA PHE A 253 16.14 -32.67 2.66
C PHE A 253 17.67 -32.85 2.56
N ASN A 254 18.15 -33.07 1.34
CA ASN A 254 19.56 -33.37 1.09
C ASN A 254 20.06 -34.66 1.77
N LEU A 255 19.15 -35.43 2.38
CA LEU A 255 19.50 -36.57 3.24
C LEU A 255 18.88 -37.84 2.69
N GLY A 262 28.97 -33.97 3.29
CA GLY A 262 28.32 -35.00 4.10
C GLY A 262 27.18 -34.49 4.99
N TYR A 263 27.03 -35.10 6.17
CA TYR A 263 25.85 -34.88 7.01
C TYR A 263 25.70 -33.41 7.43
N ILE A 264 26.76 -32.80 7.94
CA ILE A 264 26.69 -31.42 8.43
C ILE A 264 26.27 -30.48 7.30
N GLN A 265 26.93 -30.58 6.16
CA GLN A 265 26.62 -29.72 5.02
C GLN A 265 25.16 -29.87 4.57
N ALA A 266 24.66 -31.10 4.56
CA ALA A 266 23.27 -31.37 4.20
C ALA A 266 22.28 -30.63 5.10
N VAL A 267 22.55 -30.61 6.40
CA VAL A 267 21.70 -29.85 7.31
C VAL A 267 21.86 -28.35 7.08
N LEU A 268 23.08 -27.87 6.84
CA LEU A 268 23.26 -26.43 6.62
C LEU A 268 22.56 -25.97 5.34
N ASP A 269 22.52 -26.84 4.33
CA ASP A 269 21.94 -26.49 3.04
C ASP A 269 20.41 -26.41 3.03
N ARG A 270 19.79 -26.68 4.17
CA ARG A 270 18.35 -26.44 4.31
C ARG A 270 17.97 -24.98 4.01
N ASN A 271 18.91 -24.05 4.22
CA ASN A 271 18.68 -22.63 3.92
C ASN A 271 18.31 -22.37 2.48
N LEU A 272 18.77 -23.20 1.55
CA LEU A 272 18.40 -23.03 0.16
C LEU A 272 16.88 -23.00 0.03
N ALA A 273 16.19 -23.96 0.65
CA ALA A 273 14.72 -24.03 0.60
C ALA A 273 14.07 -22.92 1.41
N GLU A 274 14.63 -22.61 2.57
CA GLU A 274 14.01 -21.70 3.50
C GLU A 274 14.18 -20.24 3.10
N ASN A 275 15.11 -19.96 2.18
CA ASN A 275 15.27 -18.62 1.65
C ASN A 275 14.08 -18.07 0.88
N ILE A 276 13.16 -18.92 0.47
CA ILE A 276 11.99 -18.45 -0.28
C ILE A 276 11.23 -17.39 0.51
N SER A 277 11.06 -17.59 1.82
CA SER A 277 10.31 -16.61 2.64
C SER A 277 11.18 -15.66 3.46
N ARG A 278 12.45 -15.51 3.09
CA ARG A 278 13.36 -14.75 3.92
C ARG A 278 13.17 -13.26 3.80
N VAL A 279 12.96 -12.74 2.59
CA VAL A 279 13.00 -11.29 2.41
C VAL A 279 12.05 -10.78 1.32
N LEU A 280 11.39 -9.67 1.64
CA LEU A 280 10.55 -8.96 0.71
C LEU A 280 11.42 -8.24 -0.34
N TYR A 281 11.10 -8.43 -1.61
CA TYR A 281 11.72 -7.64 -2.66
C TYR A 281 11.28 -6.18 -2.50
N PRO A 282 12.24 -5.26 -2.39
CA PRO A 282 11.94 -3.87 -2.01
C PRO A 282 11.72 -2.90 -3.18
N ASN A 283 11.16 -3.38 -4.27
CA ASN A 283 10.88 -2.57 -5.43
C ASN A 283 9.42 -2.16 -5.44
N ASP A 284 9.19 -0.90 -5.70
CA ASP A 284 7.86 -0.40 -5.85
C ASP A 284 7.70 -0.01 -7.30
N ASN A 285 6.68 -0.53 -7.96
CA ASN A 285 6.37 -0.18 -9.34
C ASN A 285 7.55 -0.47 -10.25
N PHE A 286 8.14 -1.65 -10.07
CA PHE A 286 9.30 -2.07 -10.86
C PHE A 286 9.33 -3.60 -10.87
N PHE A 287 9.63 -4.17 -12.03
CA PHE A 287 9.73 -5.61 -12.17
C PHE A 287 11.20 -6.03 -12.23
N GLU A 288 11.58 -6.90 -11.31
CA GLU A 288 12.91 -7.53 -11.26
C GLU A 288 12.70 -9.03 -11.46
N GLY A 289 13.12 -9.53 -12.63
CA GLY A 289 12.81 -10.88 -13.03
C GLY A 289 13.80 -11.92 -12.53
N LYS A 290 13.87 -12.12 -11.22
CA LYS A 290 14.81 -13.05 -10.62
C LYS A 290 14.13 -14.34 -10.21
N GLU A 291 14.87 -15.44 -10.22
CA GLU A 291 14.32 -16.75 -9.90
C GLU A 291 13.73 -16.81 -8.49
N LEU A 292 14.43 -16.23 -7.52
CA LEU A 292 13.90 -16.24 -6.16
C LEU A 292 12.48 -15.61 -6.08
N ARG A 293 12.26 -14.54 -6.84
CA ARG A 293 10.94 -13.89 -6.86
C ARG A 293 9.89 -14.80 -7.46
N LEU A 294 10.24 -15.49 -8.53
CA LEU A 294 9.30 -16.42 -9.12
C LEU A 294 8.95 -17.53 -8.15
N LYS A 295 9.93 -18.05 -7.41
CA LYS A 295 9.67 -19.06 -6.41
C LYS A 295 8.70 -18.55 -5.33
N GLN A 296 8.89 -17.31 -4.90
CA GLN A 296 7.97 -16.71 -3.92
C GLN A 296 6.56 -16.68 -4.46
N GLU A 297 6.40 -16.26 -5.72
CA GLU A 297 5.10 -16.17 -6.34
C GLU A 297 4.40 -17.53 -6.44
N TYR A 298 5.13 -18.58 -6.85
CA TYR A 298 4.54 -19.91 -6.92
C TYR A 298 4.23 -20.49 -5.52
N PHE A 299 5.16 -20.28 -4.59
CA PHE A 299 5.01 -20.76 -3.22
C PHE A 299 3.69 -20.29 -2.62
N VAL A 300 3.40 -19.01 -2.67
CA VAL A 300 2.15 -18.50 -2.10
C VAL A 300 0.91 -19.07 -2.80
N VAL A 301 0.97 -19.16 -4.12
CA VAL A 301 -0.15 -19.67 -4.92
C VAL A 301 -0.42 -21.14 -4.69
N ALA A 302 0.63 -21.95 -4.64
CA ALA A 302 0.46 -23.40 -4.56
C ALA A 302 -0.05 -23.82 -3.20
N ALA A 303 0.50 -23.21 -2.13
CA ALA A 303 0.03 -23.49 -0.77
C ALA A 303 -1.42 -23.02 -0.56
N THR A 304 -1.70 -21.81 -1.02
CA THR A 304 -3.02 -21.21 -0.88
C THR A 304 -4.10 -22.04 -1.56
N LEU A 305 -3.85 -22.44 -2.81
CA LEU A 305 -4.85 -23.20 -3.56
C LEU A 305 -5.20 -24.56 -2.93
N GLN A 306 -4.22 -25.26 -2.35
CA GLN A 306 -4.52 -26.51 -1.63
C GLN A 306 -5.42 -26.26 -0.42
N ASP A 307 -5.19 -25.14 0.26
CA ASP A 307 -5.99 -24.75 1.39
C ASP A 307 -7.41 -24.44 0.95
N ILE A 308 -7.53 -23.69 -0.15
CA ILE A 308 -8.83 -23.38 -0.73
C ILE A 308 -9.62 -24.62 -1.09
N ILE A 309 -8.95 -25.57 -1.75
CA ILE A 309 -9.64 -26.75 -2.21
C ILE A 309 -10.05 -27.65 -1.05
N ARG A 310 -9.19 -27.74 -0.04
CA ARG A 310 -9.46 -28.53 1.16
C ARG A 310 -10.73 -28.04 1.83
N ARG A 311 -10.83 -26.73 1.98
CA ARG A 311 -11.94 -26.09 2.64
C ARG A 311 -13.22 -26.30 1.81
N PHE A 312 -13.11 -26.24 0.49
CA PHE A 312 -14.24 -26.51 -0.41
C PHE A 312 -14.76 -27.96 -0.32
N LYS A 313 -13.86 -28.93 -0.22
CA LYS A 313 -14.27 -30.34 -0.18
C LYS A 313 -14.83 -30.70 1.17
N SER A 314 -14.44 -29.97 2.20
CA SER A 314 -14.89 -30.20 3.56
C SER A 314 -16.13 -29.35 3.86
N SER A 315 -17.02 -29.21 2.88
CA SER A 315 -18.22 -28.41 3.05
C SER A 315 -19.24 -29.14 3.91
N THR A 325 -15.94 -32.83 -5.00
CA THR A 325 -16.32 -33.82 -6.01
C THR A 325 -17.04 -33.16 -7.18
N ASN A 326 -18.04 -32.34 -6.88
CA ASN A 326 -18.72 -31.58 -7.92
C ASN A 326 -18.19 -30.15 -7.99
N PHE A 327 -17.23 -29.94 -8.89
CA PHE A 327 -16.56 -28.65 -9.04
C PHE A 327 -17.40 -27.64 -9.79
N ASP A 328 -18.60 -28.03 -10.26
CA ASP A 328 -19.54 -27.08 -10.85
C ASP A 328 -19.87 -25.95 -9.90
N ALA A 329 -19.93 -26.26 -8.63
CA ALA A 329 -20.32 -25.31 -7.60
C ALA A 329 -19.11 -24.51 -7.02
N PHE A 330 -17.91 -24.83 -7.48
CA PHE A 330 -16.69 -24.16 -6.97
C PHE A 330 -16.78 -22.63 -7.04
N PRO A 331 -17.15 -22.07 -8.22
CA PRO A 331 -17.28 -20.62 -8.31
C PRO A 331 -18.42 -20.02 -7.50
N ASP A 332 -19.39 -20.83 -7.07
CA ASP A 332 -20.42 -20.34 -6.16
C ASP A 332 -19.94 -20.26 -4.72
N LYS A 333 -18.86 -20.99 -4.41
CA LYS A 333 -18.36 -21.06 -3.05
C LYS A 333 -16.99 -20.38 -2.86
N VAL A 334 -16.35 -20.02 -3.97
CA VAL A 334 -14.99 -19.47 -3.95
C VAL A 334 -14.84 -18.28 -4.90
N ALA A 335 -14.25 -17.20 -4.38
CA ALA A 335 -13.74 -16.11 -5.22
C ALA A 335 -12.25 -15.92 -4.93
N ILE A 336 -11.45 -15.82 -5.98
CA ILE A 336 -10.03 -15.54 -5.82
C ILE A 336 -9.73 -14.20 -6.45
N GLN A 337 -9.23 -13.25 -5.67
CA GLN A 337 -8.88 -11.93 -6.15
C GLN A 337 -7.35 -11.81 -6.24
N LEU A 338 -6.86 -11.51 -7.44
CA LEU A 338 -5.42 -11.42 -7.70
C LEU A 338 -5.02 -9.97 -7.56
N ASN A 339 -4.16 -9.69 -6.56
CA ASN A 339 -3.63 -8.35 -6.34
C ASN A 339 -2.44 -8.09 -7.27
N ASP A 340 -2.76 -7.53 -8.44
CA ASP A 340 -1.85 -7.41 -9.57
C ASP A 340 -1.49 -8.80 -10.10
N THR A 341 -0.47 -8.90 -10.94
CA THR A 341 -0.11 -10.16 -11.55
C THR A 341 0.80 -11.00 -10.66
N HIS A 342 1.17 -10.50 -9.50
CA HIS A 342 2.16 -11.20 -8.68
C HIS A 342 1.71 -12.64 -8.33
N PRO A 343 0.39 -12.85 -8.07
CA PRO A 343 -0.10 -14.19 -7.83
C PRO A 343 -0.76 -14.82 -9.04
N SER A 344 -0.40 -14.36 -10.25
CA SER A 344 -1.04 -14.83 -11.50
C SER A 344 -0.93 -16.32 -11.76
N LEU A 345 0.08 -16.97 -11.19
CA LEU A 345 0.23 -18.41 -11.38
C LEU A 345 -0.91 -19.19 -10.78
N ALA A 346 -1.77 -18.54 -10.01
CA ALA A 346 -3.02 -19.15 -9.54
C ALA A 346 -3.88 -19.71 -10.70
N ILE A 347 -3.84 -19.03 -11.82
CA ILE A 347 -4.64 -19.44 -12.97
C ILE A 347 -4.16 -20.79 -13.53
N PRO A 348 -2.89 -20.90 -13.94
CA PRO A 348 -2.48 -22.22 -14.42
C PRO A 348 -2.35 -23.27 -13.32
N GLU A 349 -2.13 -22.85 -12.06
CA GLU A 349 -2.13 -23.82 -10.96
C GLU A 349 -3.51 -24.44 -10.73
N LEU A 350 -4.56 -23.60 -10.74
CA LEU A 350 -5.91 -24.11 -10.60
C LEU A 350 -6.24 -25.08 -11.75
N MET A 351 -5.84 -24.72 -12.96
CA MET A 351 -6.02 -25.62 -14.12
C MET A 351 -5.26 -26.92 -13.92
N ARG A 352 -4.03 -26.85 -13.44
CA ARG A 352 -3.24 -28.05 -13.16
C ARG A 352 -3.93 -28.99 -12.18
N VAL A 353 -4.40 -28.43 -11.07
CA VAL A 353 -5.06 -29.24 -10.07
C VAL A 353 -6.34 -29.86 -10.65
N LEU A 354 -7.15 -29.08 -11.34
CA LEU A 354 -8.44 -29.60 -11.84
C LEU A 354 -8.26 -30.65 -12.95
N VAL A 355 -7.31 -30.42 -13.83
CA VAL A 355 -7.08 -31.31 -14.99
C VAL A 355 -6.24 -32.52 -14.60
N ASP A 356 -5.07 -32.29 -14.01
CA ASP A 356 -4.13 -33.37 -13.75
C ASP A 356 -4.47 -34.21 -12.53
N LEU A 357 -5.06 -33.60 -11.49
CA LEU A 357 -5.28 -34.30 -10.23
C LEU A 357 -6.74 -34.70 -10.04
N GLU A 358 -7.68 -33.81 -10.37
CA GLU A 358 -9.12 -34.11 -10.25
C GLU A 358 -9.71 -34.68 -11.53
N ARG A 359 -8.97 -34.63 -12.63
CA ARG A 359 -9.35 -35.27 -13.88
C ARG A 359 -10.62 -34.68 -14.53
N LEU A 360 -10.82 -33.37 -14.37
CA LEU A 360 -11.83 -32.66 -15.13
C LEU A 360 -11.34 -32.48 -16.55
N ASP A 361 -12.27 -32.41 -17.50
CA ASP A 361 -11.86 -32.13 -18.86
C ASP A 361 -11.48 -30.65 -18.92
N TRP A 362 -10.63 -30.31 -19.88
CA TRP A 362 -10.08 -28.98 -20.02
C TRP A 362 -11.13 -27.88 -20.02
N ASP A 363 -12.10 -27.98 -20.93
CA ASP A 363 -13.11 -26.92 -21.07
C ASP A 363 -13.88 -26.65 -19.78
N LYS A 364 -14.20 -27.70 -19.04
CA LYS A 364 -14.93 -27.55 -17.80
C LYS A 364 -14.04 -26.89 -16.73
N ALA A 365 -12.80 -27.35 -16.62
CA ALA A 365 -11.81 -26.73 -15.72
C ALA A 365 -11.63 -25.24 -16.01
N TRP A 366 -11.53 -24.88 -17.28
CA TRP A 366 -11.37 -23.49 -17.69
C TRP A 366 -12.56 -22.61 -17.31
N GLU A 367 -13.77 -23.12 -17.51
CA GLU A 367 -14.98 -22.42 -17.08
C GLU A 367 -14.96 -22.13 -15.59
N VAL A 368 -14.60 -23.14 -14.80
CA VAL A 368 -14.50 -22.97 -13.35
C VAL A 368 -13.45 -21.91 -13.00
N THR A 369 -12.31 -21.98 -13.64
CA THR A 369 -11.20 -21.08 -13.37
C THR A 369 -11.57 -19.64 -13.66
N VAL A 370 -12.14 -19.39 -14.85
CA VAL A 370 -12.51 -18.04 -15.22
C VAL A 370 -13.52 -17.44 -14.27
N LYS A 371 -14.52 -18.23 -13.86
CA LYS A 371 -15.56 -17.74 -12.99
C LYS A 371 -15.12 -17.53 -11.55
N THR A 372 -14.02 -18.17 -11.18
CA THR A 372 -13.45 -18.04 -9.82
C THR A 372 -12.51 -16.83 -9.68
N CYS A 373 -11.71 -16.57 -10.71
CA CYS A 373 -10.61 -15.59 -10.65
C CYS A 373 -11.00 -14.22 -11.15
N ALA A 374 -10.47 -13.20 -10.48
CA ALA A 374 -10.61 -11.82 -10.90
C ALA A 374 -9.26 -11.11 -10.67
N TYR A 375 -8.97 -10.15 -11.51
CA TYR A 375 -7.67 -9.50 -11.58
C TYR A 375 -7.77 -8.01 -11.43
N THR A 376 -6.98 -7.46 -10.49
CA THR A 376 -6.86 -6.03 -10.33
C THR A 376 -5.49 -5.56 -10.81
N ASN A 377 -5.47 -4.63 -11.76
CA ASN A 377 -4.26 -3.98 -12.23
C ASN A 377 -4.00 -2.70 -11.47
N HIS A 378 -2.74 -2.47 -11.10
CA HIS A 378 -2.34 -1.31 -10.31
C HIS A 378 -1.31 -0.40 -10.98
N THR A 379 -0.99 -0.61 -12.24
CA THR A 379 0.06 0.20 -12.87
C THR A 379 0.04 0.02 -14.37
N VAL A 380 0.35 1.11 -15.08
CA VAL A 380 0.59 1.04 -16.53
C VAL A 380 2.04 1.33 -16.89
N LEU A 381 2.92 1.56 -15.92
CA LEU A 381 4.32 1.79 -16.24
C LEU A 381 4.93 0.53 -16.82
N PRO A 382 5.52 0.64 -18.02
CA PRO A 382 6.02 -0.59 -18.67
C PRO A 382 7.07 -1.36 -17.89
N GLU A 383 7.93 -0.66 -17.19
CA GLU A 383 8.98 -1.31 -16.41
C GLU A 383 8.46 -2.07 -15.17
N ALA A 384 7.18 -1.89 -14.85
CA ALA A 384 6.56 -2.56 -13.70
C ALA A 384 5.83 -3.85 -14.07
N LEU A 385 5.55 -4.03 -15.36
CA LEU A 385 4.77 -5.17 -15.81
C LEU A 385 5.60 -6.45 -15.82
N GLU A 386 5.02 -7.54 -15.30
CA GLU A 386 5.74 -8.79 -15.19
C GLU A 386 5.71 -9.54 -16.51
N ARG A 387 6.89 -9.78 -17.04
CA ARG A 387 7.06 -10.55 -18.27
C ARG A 387 8.18 -11.55 -17.98
N TRP A 388 7.83 -12.77 -17.67
CA TRP A 388 8.80 -13.75 -17.24
C TRP A 388 9.47 -14.46 -18.43
N PRO A 389 10.81 -14.54 -18.44
CA PRO A 389 11.48 -15.38 -19.43
C PRO A 389 10.99 -16.83 -19.44
N VAL A 390 10.65 -17.32 -20.63
CA VAL A 390 10.21 -18.68 -20.80
C VAL A 390 11.20 -19.69 -20.21
N HIS A 391 12.49 -19.44 -20.36
CA HIS A 391 13.52 -20.39 -19.86
C HIS A 391 13.48 -20.59 -18.35
N LEU A 392 13.09 -19.56 -17.60
CA LEU A 392 12.91 -19.69 -16.16
C LEU A 392 11.71 -20.59 -15.83
N LEU A 393 10.60 -20.37 -16.52
CA LEU A 393 9.39 -21.18 -16.27
C LEU A 393 9.58 -22.63 -16.72
N GLU A 394 10.28 -22.80 -17.83
CA GLU A 394 10.57 -24.12 -18.32
C GLU A 394 11.31 -24.98 -17.30
N THR A 395 12.30 -24.40 -16.63
CA THR A 395 13.09 -25.11 -15.65
C THR A 395 12.37 -25.25 -14.33
N LEU A 396 11.74 -24.17 -13.87
CA LEU A 396 11.16 -24.18 -12.51
C LEU A 396 9.78 -24.82 -12.47
N LEU A 397 8.97 -24.61 -13.51
CA LEU A 397 7.55 -24.95 -13.48
C LEU A 397 7.13 -25.49 -14.84
N PRO A 398 7.75 -26.61 -15.25
CA PRO A 398 7.54 -27.14 -16.59
C PRO A 398 6.10 -27.48 -16.92
N ARG A 399 5.31 -27.97 -15.97
CA ARG A 399 3.90 -28.26 -16.28
C ARG A 399 3.09 -26.97 -16.47
N HIS A 400 3.38 -25.95 -15.66
CA HIS A 400 2.71 -24.66 -15.83
C HIS A 400 2.97 -24.00 -17.17
N LEU A 401 4.19 -24.09 -17.66
CA LEU A 401 4.51 -23.56 -18.99
C LEU A 401 3.65 -24.27 -20.04
N GLN A 402 3.55 -25.60 -19.98
CA GLN A 402 2.69 -26.33 -20.92
C GLN A 402 1.25 -25.84 -20.88
N ILE A 403 0.72 -25.65 -19.69
CA ILE A 403 -0.64 -25.19 -19.53
C ILE A 403 -0.80 -23.77 -20.09
N ILE A 404 0.19 -22.90 -19.86
CA ILE A 404 0.12 -21.52 -20.37
C ILE A 404 0.10 -21.52 -21.90
N TYR A 405 0.90 -22.38 -22.50
CA TYR A 405 0.90 -22.51 -23.98
C TYR A 405 -0.46 -22.93 -24.50
N GLU A 406 -1.09 -23.89 -23.82
CA GLU A 406 -2.41 -24.39 -24.20
C GLU A 406 -3.46 -23.31 -24.03
N ILE A 407 -3.40 -22.58 -22.91
CA ILE A 407 -4.29 -21.44 -22.73
C ILE A 407 -4.14 -20.44 -23.89
N ASN A 408 -2.90 -20.13 -24.25
CA ASN A 408 -2.61 -19.15 -25.27
C ASN A 408 -3.20 -19.58 -26.64
N GLN A 409 -3.01 -20.83 -26.99
CA GLN A 409 -3.51 -21.35 -28.27
C GLN A 409 -5.04 -21.26 -28.36
N ARG A 410 -5.72 -21.69 -27.31
CA ARG A 410 -7.19 -21.61 -27.27
C ARG A 410 -7.71 -20.18 -27.28
N PHE A 411 -7.06 -19.30 -26.53
CA PHE A 411 -7.43 -17.88 -26.53
C PHE A 411 -7.26 -17.24 -27.92
N LEU A 412 -6.11 -17.46 -28.50
CA LEU A 412 -5.80 -16.86 -29.82
C LEU A 412 -6.72 -17.41 -30.91
N ASN A 413 -7.15 -18.67 -30.77
CA ASN A 413 -8.20 -19.21 -31.67
C ASN A 413 -9.51 -18.42 -31.55
N ARG A 414 -9.84 -17.96 -30.35
CA ARG A 414 -11.01 -17.11 -30.18
C ARG A 414 -10.85 -15.73 -30.80
N VAL A 415 -9.64 -15.17 -30.67
CA VAL A 415 -9.33 -13.85 -31.22
C VAL A 415 -9.46 -13.93 -32.75
N ALA A 416 -8.89 -14.99 -33.32
CA ALA A 416 -8.89 -15.21 -34.78
C ALA A 416 -10.31 -15.32 -35.33
N ALA A 417 -11.17 -16.00 -34.59
CA ALA A 417 -12.58 -16.14 -34.98
C ALA A 417 -13.34 -14.82 -34.91
N ALA A 418 -12.97 -13.96 -33.96
CA ALA A 418 -13.65 -12.69 -33.77
C ALA A 418 -13.12 -11.62 -34.71
N PHE A 419 -11.84 -11.70 -35.07
CA PHE A 419 -11.22 -10.67 -35.89
C PHE A 419 -10.46 -11.35 -37.01
N PRO A 420 -11.18 -11.95 -37.96
CA PRO A 420 -10.50 -12.79 -38.96
C PRO A 420 -9.53 -12.00 -39.82
N GLY A 421 -8.34 -12.54 -40.02
CA GLY A 421 -7.31 -11.91 -40.82
C GLY A 421 -6.47 -10.86 -40.13
N ASP A 422 -6.81 -10.48 -38.89
CA ASP A 422 -6.10 -9.42 -38.18
C ASP A 422 -4.92 -10.06 -37.49
N VAL A 423 -3.85 -10.27 -38.25
CA VAL A 423 -2.68 -10.97 -37.76
C VAL A 423 -1.85 -10.16 -36.79
N ASP A 424 -1.86 -8.83 -36.92
CA ASP A 424 -1.13 -8.05 -35.93
C ASP A 424 -1.81 -8.12 -34.56
N ARG A 425 -3.14 -8.18 -34.55
CA ARG A 425 -3.87 -8.32 -33.28
C ARG A 425 -3.44 -9.62 -32.59
N LEU A 426 -3.30 -10.71 -33.36
CA LEU A 426 -2.83 -11.96 -32.81
C LEU A 426 -1.48 -11.85 -32.15
N ARG A 427 -0.54 -11.14 -32.77
CA ARG A 427 0.76 -10.92 -32.19
C ARG A 427 0.66 -10.06 -30.92
N ARG A 428 -0.14 -9.01 -30.95
CA ARG A 428 -0.26 -8.10 -29.81
C ARG A 428 -0.92 -8.74 -28.59
N MET A 429 -1.87 -9.64 -28.81
CA MET A 429 -2.69 -10.18 -27.72
C MET A 429 -2.12 -11.46 -27.13
N SER A 430 -1.12 -12.02 -27.79
CA SER A 430 -0.56 -13.29 -27.35
C SER A 430 -0.02 -13.19 -25.92
N LEU A 431 -0.14 -14.29 -25.18
CA LEU A 431 0.47 -14.37 -23.85
C LEU A 431 1.97 -14.52 -23.99
N VAL A 432 2.42 -15.04 -25.14
CA VAL A 432 3.82 -15.28 -25.40
C VAL A 432 4.37 -14.13 -26.23
N GLU A 433 5.37 -13.44 -25.71
CA GLU A 433 6.04 -12.36 -26.43
C GLU A 433 7.30 -12.87 -27.11
N GLU A 434 7.38 -12.65 -28.42
CA GLU A 434 8.54 -13.10 -29.19
C GLU A 434 9.64 -12.05 -29.07
N GLY A 435 10.86 -12.45 -29.38
CA GLY A 435 11.98 -11.50 -29.37
C GLY A 435 13.30 -12.18 -29.05
N ALA A 436 14.29 -11.37 -28.67
CA ALA A 436 15.58 -11.85 -28.23
C ALA A 436 15.38 -13.01 -27.24
N VAL A 437 14.73 -12.73 -26.11
CA VAL A 437 14.27 -13.78 -25.21
C VAL A 437 12.74 -13.84 -25.26
N LYS A 438 12.22 -15.05 -25.37
CA LYS A 438 10.78 -15.28 -25.31
C LYS A 438 10.32 -15.02 -23.87
N ARG A 439 9.19 -14.33 -23.69
CA ARG A 439 8.64 -14.05 -22.34
C ARG A 439 7.15 -14.33 -22.30
N ILE A 440 6.62 -14.62 -21.10
CA ILE A 440 5.18 -14.69 -20.89
C ILE A 440 4.69 -13.39 -20.27
N ASN A 441 3.69 -12.77 -20.89
CA ASN A 441 3.11 -11.53 -20.38
C ASN A 441 2.05 -11.95 -19.36
N MET A 442 2.33 -11.70 -18.08
CA MET A 442 1.43 -12.19 -17.05
C MET A 442 0.12 -11.43 -17.00
N ALA A 443 0.13 -10.17 -17.41
CA ALA A 443 -1.13 -9.41 -17.44
C ALA A 443 -2.07 -10.00 -18.47
N HIS A 444 -1.54 -10.42 -19.61
CA HIS A 444 -2.38 -11.04 -20.64
C HIS A 444 -2.96 -12.35 -20.13
N LEU A 445 -2.16 -13.12 -19.42
CA LEU A 445 -2.63 -14.36 -18.80
C LEU A 445 -3.80 -14.09 -17.85
N CYS A 446 -3.65 -13.06 -17.02
CA CYS A 446 -4.70 -12.70 -16.04
C CYS A 446 -5.99 -12.28 -16.69
N ILE A 447 -5.90 -11.50 -17.77
CA ILE A 447 -7.11 -11.08 -18.47
C ILE A 447 -7.84 -12.26 -19.10
N ALA A 448 -7.09 -13.13 -19.76
CA ALA A 448 -7.67 -14.32 -20.37
C ALA A 448 -8.36 -15.23 -19.36
N GLY A 449 -7.75 -15.38 -18.19
CA GLY A 449 -8.24 -16.31 -17.18
C GLY A 449 -9.12 -15.78 -16.07
N SER A 450 -9.60 -14.53 -16.18
CA SER A 450 -10.42 -13.86 -15.17
C SER A 450 -11.75 -13.39 -15.77
N HIS A 451 -12.81 -13.45 -14.96
CA HIS A 451 -14.12 -12.96 -15.40
C HIS A 451 -14.27 -11.46 -15.20
N ALA A 452 -13.35 -10.85 -14.45
CA ALA A 452 -13.37 -9.40 -14.23
C ALA A 452 -11.96 -8.90 -14.12
N VAL A 453 -11.75 -7.72 -14.67
CA VAL A 453 -10.48 -7.02 -14.68
C VAL A 453 -10.82 -5.58 -14.28
N ASN A 454 -10.17 -5.06 -13.24
CA ASN A 454 -10.42 -3.70 -12.84
C ASN A 454 -9.17 -2.88 -12.65
N GLY A 455 -9.31 -1.59 -12.91
CA GLY A 455 -8.36 -0.60 -12.48
C GLY A 455 -8.81 0.02 -11.17
N VAL A 456 -8.03 0.96 -10.68
CA VAL A 456 -8.11 1.38 -9.27
C VAL A 456 -8.51 2.83 -9.09
N ALA A 457 -8.83 3.48 -10.21
CA ALA A 457 -9.42 4.82 -10.20
C ALA A 457 -9.99 5.04 -11.60
N ARG A 458 -10.99 5.91 -11.70
CA ARG A 458 -11.73 6.03 -12.95
C ARG A 458 -10.81 6.35 -14.11
N ILE A 459 -9.92 7.33 -13.96
CA ILE A 459 -9.04 7.69 -15.07
C ILE A 459 -8.11 6.53 -15.48
N HIS A 460 -7.64 5.77 -14.49
CA HIS A 460 -6.78 4.63 -14.72
C HIS A 460 -7.54 3.53 -15.46
N SER A 461 -8.75 3.22 -15.02
CA SER A 461 -9.55 2.19 -15.67
C SER A 461 -9.88 2.58 -17.13
N GLU A 462 -10.07 3.87 -17.39
CA GLU A 462 -10.24 4.36 -18.75
C GLU A 462 -8.96 4.21 -19.57
N ILE A 463 -7.82 4.56 -18.98
CA ILE A 463 -6.53 4.38 -19.64
C ILE A 463 -6.33 2.90 -20.06
N LEU A 464 -6.70 1.97 -19.17
CA LEU A 464 -6.54 0.54 -19.49
C LEU A 464 -7.31 0.16 -20.76
N LYS A 465 -8.52 0.68 -20.88
CA LYS A 465 -9.38 0.36 -22.03
C LYS A 465 -8.96 1.06 -23.31
N LYS A 466 -8.32 2.21 -23.18
CA LYS A 466 -7.93 3.02 -24.35
C LYS A 466 -6.56 2.67 -24.88
N THR A 467 -5.67 2.17 -24.04
CA THR A 467 -4.27 1.98 -24.42
C THR A 467 -3.85 0.54 -24.21
N ILE A 468 -3.32 0.23 -23.04
CA ILE A 468 -2.59 -0.99 -22.82
C ILE A 468 -3.41 -2.26 -23.03
N PHE A 469 -4.69 -2.23 -22.65
CA PHE A 469 -5.53 -3.42 -22.81
C PHE A 469 -6.67 -3.21 -23.82
N LYS A 470 -6.52 -2.24 -24.72
CA LYS A 470 -7.51 -1.94 -25.76
C LYS A 470 -8.01 -3.16 -26.54
N ASP A 471 -7.08 -3.99 -26.99
CA ASP A 471 -7.42 -5.18 -27.77
C ASP A 471 -8.32 -6.14 -26.98
N PHE A 472 -8.08 -6.27 -25.67
CA PHE A 472 -8.84 -7.19 -24.82
C PHE A 472 -10.20 -6.64 -24.50
N TYR A 473 -10.26 -5.33 -24.33
CA TYR A 473 -11.53 -4.64 -24.11
C TYR A 473 -12.44 -4.82 -25.35
N GLU A 474 -11.85 -4.76 -26.54
CA GLU A 474 -12.61 -4.95 -27.79
C GLU A 474 -13.14 -6.37 -27.93
N LEU A 475 -12.38 -7.34 -27.45
CA LEU A 475 -12.82 -8.73 -27.47
C LEU A 475 -13.87 -9.04 -26.41
N GLU A 476 -13.67 -8.54 -25.18
CA GLU A 476 -14.52 -8.91 -24.04
C GLU A 476 -14.84 -7.68 -23.18
N PRO A 477 -15.65 -6.77 -23.72
CA PRO A 477 -15.92 -5.49 -23.03
C PRO A 477 -16.49 -5.65 -21.62
N HIS A 478 -17.30 -6.68 -21.45
CA HIS A 478 -17.97 -6.96 -20.17
C HIS A 478 -17.01 -7.26 -19.01
N LYS A 479 -15.80 -7.69 -19.31
CA LYS A 479 -14.81 -7.99 -18.24
C LYS A 479 -14.33 -6.76 -17.49
N PHE A 480 -14.32 -5.60 -18.15
CA PHE A 480 -13.61 -4.45 -17.65
C PHE A 480 -14.43 -3.54 -16.74
N GLN A 481 -13.87 -3.31 -15.54
CA GLN A 481 -14.54 -2.53 -14.53
C GLN A 481 -13.58 -1.52 -13.92
N ASN A 482 -14.15 -0.59 -13.17
CA ASN A 482 -13.42 0.30 -12.26
C ASN A 482 -13.80 0.02 -10.80
N LYS A 483 -12.81 0.06 -9.91
CA LYS A 483 -13.05 0.08 -8.46
C LYS A 483 -12.12 1.08 -7.85
N THR A 484 -12.59 2.29 -7.61
CA THR A 484 -11.73 3.32 -7.12
C THR A 484 -11.29 2.92 -5.71
N ASN A 485 -10.01 3.12 -5.45
CA ASN A 485 -9.40 2.74 -4.18
C ASN A 485 -9.99 3.53 -3.01
N GLY A 486 -9.69 3.07 -1.81
CA GLY A 486 -10.05 3.77 -0.61
C GLY A 486 -9.09 3.42 0.51
N ILE A 487 -9.34 3.99 1.68
CA ILE A 487 -8.53 3.79 2.89
C ILE A 487 -9.47 3.56 4.05
N THR A 488 -9.00 2.86 5.07
CA THR A 488 -9.87 2.57 6.18
C THR A 488 -9.93 3.74 7.14
N PRO A 489 -11.16 4.18 7.48
CA PRO A 489 -11.24 5.34 8.37
C PRO A 489 -10.96 4.98 9.83
N ARG A 490 -10.83 3.69 10.15
CA ARG A 490 -10.44 3.30 11.50
C ARG A 490 -8.99 3.70 11.71
N ARG A 491 -8.06 3.10 10.98
CA ARG A 491 -6.68 3.48 11.13
C ARG A 491 -6.42 4.92 10.75
N TRP A 492 -7.03 5.40 9.66
CA TRP A 492 -6.60 6.67 9.09
C TRP A 492 -7.40 7.87 9.54
N LEU A 493 -8.28 7.69 10.52
CA LEU A 493 -8.88 8.86 11.20
C LEU A 493 -8.96 8.62 12.70
N VAL A 494 -9.69 7.61 13.11
CA VAL A 494 -9.92 7.39 14.56
C VAL A 494 -8.61 7.09 15.30
N LEU A 495 -7.82 6.18 14.75
CA LEU A 495 -6.57 5.82 15.40
C LEU A 495 -5.56 6.96 15.39
N CYS A 496 -5.28 7.56 14.23
CA CYS A 496 -4.19 8.49 14.13
C CYS A 496 -4.57 9.94 14.49
N ASN A 497 -5.87 10.24 14.51
CA ASN A 497 -6.30 11.63 14.70
C ASN A 497 -7.54 11.66 15.60
N PRO A 498 -7.37 11.17 16.84
CA PRO A 498 -8.53 11.08 17.76
C PRO A 498 -9.20 12.45 18.01
N GLY A 499 -8.39 13.50 18.06
CA GLY A 499 -8.88 14.87 18.22
C GLY A 499 -9.87 15.30 17.17
N LEU A 500 -9.56 15.03 15.91
CA LEU A 500 -10.48 15.32 14.83
C LEU A 500 -11.68 14.42 14.89
N ALA A 501 -11.47 13.13 15.17
CA ALA A 501 -12.60 12.22 15.23
C ALA A 501 -13.58 12.71 16.31
N GLU A 502 -13.04 13.21 17.40
CA GLU A 502 -13.88 13.61 18.54
C GLU A 502 -14.73 14.83 18.21
N ILE A 503 -14.13 15.87 17.64
CA ILE A 503 -14.90 17.08 17.34
C ILE A 503 -15.94 16.80 16.27
N ILE A 504 -15.68 15.85 15.37
CA ILE A 504 -16.69 15.45 14.42
C ILE A 504 -17.83 14.70 15.10
N ALA A 505 -17.48 13.78 16.00
CA ALA A 505 -18.49 12.94 16.65
C ALA A 505 -19.44 13.82 17.49
N GLU A 506 -18.89 14.86 18.10
CA GLU A 506 -19.69 15.79 18.90
C GLU A 506 -20.86 16.37 18.11
N ARG A 507 -20.66 16.62 16.82
CA ARG A 507 -21.70 17.21 15.98
C ARG A 507 -22.59 16.18 15.35
N ILE A 508 -22.04 15.09 14.84
CA ILE A 508 -22.84 14.18 14.03
C ILE A 508 -22.94 12.76 14.55
N GLY A 509 -22.40 12.49 15.73
CA GLY A 509 -22.47 11.16 16.30
C GLY A 509 -21.31 10.30 15.78
N GLU A 510 -21.37 9.02 16.10
CA GLU A 510 -20.26 8.08 15.84
C GLU A 510 -20.46 7.19 14.63
N GLU A 511 -21.64 7.21 14.03
CA GLU A 511 -21.98 6.26 12.97
C GLU A 511 -21.11 6.41 11.73
N TYR A 512 -20.45 7.56 11.57
CA TYR A 512 -19.69 7.87 10.36
C TYR A 512 -18.44 6.99 10.27
N ILE A 513 -17.99 6.46 11.41
CA ILE A 513 -16.76 5.63 11.42
C ILE A 513 -16.93 4.37 10.60
N SER A 514 -18.15 3.85 10.47
CA SER A 514 -18.45 2.72 9.59
C SER A 514 -19.41 3.10 8.45
N ASP A 515 -19.59 4.40 8.23
CA ASP A 515 -20.41 4.87 7.12
C ASP A 515 -19.92 6.27 6.80
N LEU A 516 -18.77 6.34 6.11
CA LEU A 516 -18.06 7.62 6.01
C LEU A 516 -18.78 8.70 5.21
N ASP A 517 -19.73 8.31 4.36
CA ASP A 517 -20.57 9.28 3.64
C ASP A 517 -21.30 10.26 4.56
N GLN A 518 -21.48 9.89 5.82
CA GLN A 518 -22.10 10.79 6.80
C GLN A 518 -21.29 12.05 7.09
N LEU A 519 -20.01 12.06 6.71
CA LEU A 519 -19.24 13.29 6.82
C LEU A 519 -19.84 14.44 6.00
N ARG A 520 -20.67 14.15 5.01
CA ARG A 520 -21.34 15.22 4.24
C ARG A 520 -22.16 16.12 5.17
N LYS A 521 -22.65 15.59 6.28
CA LYS A 521 -23.38 16.42 7.26
C LYS A 521 -22.58 17.60 7.75
N LEU A 522 -21.24 17.51 7.70
CA LEU A 522 -20.40 18.61 8.14
C LEU A 522 -20.48 19.85 7.28
N LEU A 523 -21.05 19.75 6.09
CA LEU A 523 -21.15 20.93 5.23
C LEU A 523 -22.06 21.98 5.88
N SER A 524 -23.03 21.52 6.68
CA SER A 524 -23.90 22.46 7.41
C SER A 524 -23.16 23.20 8.55
N TYR A 525 -21.88 22.90 8.76
CA TYR A 525 -21.08 23.58 9.78
C TYR A 525 -19.96 24.45 9.24
N VAL A 526 -19.93 24.66 7.93
CA VAL A 526 -18.86 25.41 7.30
C VAL A 526 -18.84 26.91 7.68
N ASP A 527 -19.98 27.43 8.14
CA ASP A 527 -20.09 28.81 8.62
C ASP A 527 -20.22 28.90 10.15
N ASP A 528 -20.10 27.77 10.83
CA ASP A 528 -20.18 27.71 12.28
C ASP A 528 -18.85 28.11 12.89
N GLU A 529 -18.81 29.24 13.57
CA GLU A 529 -17.57 29.78 14.14
C GLU A 529 -16.89 28.85 15.15
N ALA A 530 -17.69 28.09 15.89
CA ALA A 530 -17.15 27.18 16.90
C ALA A 530 -16.42 26.03 16.23
N PHE A 531 -17.07 25.44 15.23
CA PHE A 531 -16.49 24.31 14.47
C PHE A 531 -15.22 24.71 13.73
N ILE A 532 -15.26 25.88 13.08
CA ILE A 532 -14.09 26.44 12.44
C ILE A 532 -12.93 26.54 13.42
N ARG A 533 -13.20 27.05 14.62
CA ARG A 533 -12.17 27.17 15.63
C ARG A 533 -11.63 25.80 16.08
N ASP A 534 -12.51 24.84 16.25
CA ASP A 534 -12.13 23.52 16.77
C ASP A 534 -11.28 22.77 15.71
N VAL A 535 -11.70 22.84 14.46
CA VAL A 535 -10.91 22.21 13.37
C VAL A 535 -9.48 22.76 13.32
N ALA A 536 -9.35 24.10 13.40
CA ALA A 536 -8.04 24.75 13.40
C ALA A 536 -7.22 24.43 14.63
N LYS A 537 -7.89 24.32 15.79
CA LYS A 537 -7.20 23.96 17.04
C LYS A 537 -6.64 22.52 16.97
N VAL A 538 -7.42 21.60 16.46
CA VAL A 538 -6.98 20.20 16.35
C VAL A 538 -5.73 20.12 15.45
N LYS A 539 -5.76 20.79 14.31
CA LYS A 539 -4.57 20.83 13.44
C LYS A 539 -3.35 21.41 14.14
N GLN A 540 -3.55 22.54 14.82
CA GLN A 540 -2.47 23.16 15.56
C GLN A 540 -1.88 22.24 16.62
N GLU A 541 -2.71 21.51 17.33
CA GLU A 541 -2.23 20.56 18.34
C GLU A 541 -1.45 19.41 17.67
N ASN A 542 -1.99 18.91 16.56
CA ASN A 542 -1.27 17.87 15.79
C ASN A 542 0.11 18.37 15.35
N LYS A 543 0.20 19.63 14.89
CA LYS A 543 1.49 20.18 14.46
C LYS A 543 2.50 20.36 15.59
N LEU A 544 2.02 20.77 16.75
CA LEU A 544 2.88 20.91 17.95
C LEU A 544 3.43 19.57 18.36
N LYS A 545 2.56 18.55 18.38
CA LYS A 545 2.96 17.22 18.78
C LYS A 545 4.01 16.67 17.81
N PHE A 546 3.82 16.91 16.52
CA PHE A 546 4.79 16.42 15.54
C PHE A 546 6.13 17.15 15.62
N ALA A 547 6.07 18.47 15.78
CA ALA A 547 7.27 19.28 15.96
C ALA A 547 8.08 18.81 17.17
N ALA A 548 7.36 18.41 18.22
CA ALA A 548 7.97 17.87 19.44
C ALA A 548 8.63 16.51 19.17
N TYR A 549 7.94 15.66 18.39
CA TYR A 549 8.46 14.34 18.01
C TYR A 549 9.76 14.50 17.25
N LEU A 550 9.76 15.43 16.29
CA LEU A 550 10.97 15.74 15.55
C LEU A 550 12.16 16.06 16.47
N GLU A 551 11.98 17.02 17.38
CA GLU A 551 13.06 17.38 18.31
C GLU A 551 13.54 16.19 19.17
N ARG A 552 12.61 15.49 19.82
CA ARG A 552 12.99 14.34 20.66
C ARG A 552 13.81 13.31 19.87
N GLU A 553 13.17 12.68 18.89
CA GLU A 553 13.75 11.53 18.20
C GLU A 553 14.78 11.87 17.12
N TYR A 554 14.87 13.13 16.70
CA TYR A 554 15.82 13.50 15.63
C TYR A 554 16.52 14.85 15.79
N LYS A 555 16.46 15.46 16.97
CA LYS A 555 17.24 16.68 17.28
C LYS A 555 17.05 17.85 16.28
N VAL A 556 15.90 17.92 15.62
CA VAL A 556 15.67 18.95 14.59
C VAL A 556 14.64 19.99 15.06
N HIS A 557 14.93 21.26 14.77
CA HIS A 557 14.11 22.40 15.22
C HIS A 557 13.21 22.93 14.12
N ILE A 558 11.89 22.83 14.29
CA ILE A 558 10.94 23.41 13.32
C ILE A 558 9.92 24.37 13.92
N ASN A 559 9.51 25.34 13.11
CA ASN A 559 8.57 26.37 13.50
C ASN A 559 7.10 25.92 13.31
N PRO A 560 6.36 25.75 14.42
CA PRO A 560 5.00 25.20 14.34
C PRO A 560 3.93 26.13 13.74
N ASN A 561 4.27 27.40 13.51
CA ASN A 561 3.37 28.34 12.84
C ASN A 561 3.57 28.41 11.33
N SER A 562 4.51 27.62 10.81
CA SER A 562 4.77 27.59 9.38
C SER A 562 3.77 26.66 8.71
N LEU A 563 3.62 26.83 7.41
CA LEU A 563 2.77 25.96 6.63
C LEU A 563 3.54 24.62 6.47
N PHE A 564 2.91 23.52 6.86
CA PHE A 564 3.54 22.19 6.79
C PHE A 564 3.20 21.57 5.43
N ASP A 565 4.19 21.56 4.56
CA ASP A 565 4.09 21.22 3.14
C ASP A 565 4.76 19.84 3.01
N VAL A 566 3.99 18.81 2.72
CA VAL A 566 4.42 17.43 2.93
C VAL A 566 4.24 16.58 1.69
N GLN A 567 5.31 15.89 1.31
CA GLN A 567 5.29 14.91 0.22
C GLN A 567 5.92 13.65 0.80
N VAL A 568 5.09 12.69 1.18
CA VAL A 568 5.57 11.41 1.66
C VAL A 568 4.96 10.28 0.82
N LYS A 569 5.86 9.42 0.32
CA LYS A 569 5.55 8.36 -0.63
C LYS A 569 6.90 7.80 -1.09
N ARG A 570 6.89 6.63 -1.72
CA ARG A 570 8.14 6.09 -2.20
C ARG A 570 8.80 7.06 -3.19
N ILE A 571 10.13 7.03 -3.23
CA ILE A 571 10.87 7.89 -4.13
C ILE A 571 10.86 7.27 -5.53
N HIS A 572 10.33 8.01 -6.51
CA HIS A 572 10.30 7.54 -7.90
CA HIS A 572 10.21 7.58 -7.91
C HIS A 572 10.34 8.77 -8.81
N GLU A 573 10.88 8.58 -10.01
CA GLU A 573 10.81 9.65 -11.00
C GLU A 573 9.38 10.05 -11.34
N TYR A 574 8.46 9.09 -11.42
CA TYR A 574 7.11 9.44 -11.85
C TYR A 574 6.36 10.24 -10.81
N LYS A 575 6.73 10.09 -9.54
CA LYS A 575 6.09 10.85 -8.45
C LYS A 575 6.62 12.29 -8.35
N ARG A 576 7.74 12.56 -9.01
CA ARG A 576 8.26 13.93 -9.22
C ARG A 576 8.57 14.68 -7.90
N GLN A 577 9.20 14.01 -6.96
CA GLN A 577 9.85 14.71 -5.85
C GLN A 577 10.78 15.79 -6.43
N LEU A 578 11.34 15.53 -7.62
CA LEU A 578 12.18 16.56 -8.25
C LEU A 578 11.45 17.86 -8.56
N LEU A 579 10.18 17.80 -8.93
CA LEU A 579 9.43 19.00 -9.22
C LEU A 579 9.27 19.81 -7.91
N ASN A 580 9.02 19.10 -6.82
CA ASN A 580 8.97 19.76 -5.49
C ASN A 580 10.32 20.45 -5.22
N CYS A 581 11.42 19.73 -5.41
CA CYS A 581 12.76 20.29 -5.21
C CYS A 581 12.95 21.58 -5.97
N LEU A 582 12.48 21.64 -7.21
CA LEU A 582 12.64 22.84 -8.03
C LEU A 582 11.86 24.00 -7.42
N HIS A 583 10.67 23.73 -6.88
CA HIS A 583 9.91 24.80 -6.22
C HIS A 583 10.64 25.30 -4.96
N VAL A 584 11.20 24.37 -4.18
CA VAL A 584 11.88 24.75 -2.95
C VAL A 584 13.04 25.67 -3.27
N ILE A 585 13.83 25.34 -4.29
CA ILE A 585 14.98 26.17 -4.66
C ILE A 585 14.51 27.54 -5.20
N THR A 586 13.38 27.55 -5.91
CA THR A 586 12.76 28.78 -6.40
C THR A 586 12.41 29.71 -5.22
N LEU A 587 11.78 29.17 -4.19
CA LEU A 587 11.46 29.94 -2.97
C LEU A 587 12.71 30.47 -2.29
N TYR A 588 13.74 29.63 -2.19
CA TYR A 588 15.01 30.04 -1.61
C TYR A 588 15.64 31.18 -2.40
N ASN A 589 15.73 31.01 -3.71
CA ASN A 589 16.26 32.07 -4.58
C ASN A 589 15.47 33.38 -4.53
N ARG A 590 14.15 33.30 -4.44
CA ARG A 590 13.32 34.50 -4.32
C ARG A 590 13.55 35.24 -3.00
N ILE A 591 13.77 34.49 -1.93
CA ILE A 591 14.11 35.08 -0.62
C ILE A 591 15.48 35.76 -0.68
N LYS A 592 16.48 35.06 -1.22
CA LYS A 592 17.81 35.64 -1.37
C LYS A 592 17.82 36.93 -2.22
N LYS A 593 16.91 36.99 -3.19
CA LYS A 593 16.77 38.15 -4.06
C LYS A 593 16.12 39.35 -3.35
N GLU A 594 15.09 39.10 -2.54
CA GLU A 594 14.38 40.14 -1.76
C GLU A 594 14.22 39.72 -0.30
N PRO A 595 15.33 39.74 0.46
CA PRO A 595 15.33 39.20 1.83
C PRO A 595 14.33 39.84 2.78
N ASN A 596 14.02 41.12 2.57
CA ASN A 596 13.19 41.88 3.52
C ASN A 596 11.72 41.95 3.14
N LYS A 597 11.33 41.17 2.14
CA LYS A 597 9.94 41.06 1.71
C LYS A 597 9.30 39.90 2.48
N PHE A 598 8.04 40.05 2.87
CA PHE A 598 7.36 39.01 3.62
C PHE A 598 6.99 37.83 2.73
N VAL A 599 7.21 36.62 3.23
CA VAL A 599 6.69 35.41 2.60
C VAL A 599 6.08 34.51 3.66
N VAL A 600 5.06 33.76 3.30
CA VAL A 600 4.44 32.83 4.22
C VAL A 600 5.47 31.77 4.57
N PRO A 601 5.78 31.59 5.86
CA PRO A 601 6.80 30.64 6.27
C PRO A 601 6.36 29.22 5.97
N ARG A 602 7.30 28.40 5.50
CA ARG A 602 7.00 26.99 5.17
C ARG A 602 7.96 26.05 5.84
N THR A 603 7.46 24.89 6.26
CA THR A 603 8.32 23.75 6.52
C THR A 603 8.00 22.71 5.45
N VAL A 604 9.00 22.43 4.62
CA VAL A 604 8.84 21.50 3.52
C VAL A 604 9.41 20.18 3.98
N MET A 605 8.58 19.16 4.02
CA MET A 605 8.96 17.84 4.48
C MET A 605 8.78 16.84 3.35
N ILE A 606 9.83 16.10 3.06
CA ILE A 606 9.81 15.10 2.00
C ILE A 606 10.35 13.84 2.63
N GLY A 607 9.63 12.75 2.47
CA GLY A 607 10.12 11.47 2.96
C GLY A 607 9.73 10.33 2.04
N GLY A 608 10.49 9.24 2.13
CA GLY A 608 10.20 8.05 1.37
C GLY A 608 11.45 7.24 1.14
N LYS A 609 11.23 5.95 0.86
CA LYS A 609 12.33 5.04 0.64
C LYS A 609 12.57 4.89 -0.84
N ALA A 610 13.84 4.73 -1.18
CA ALA A 610 14.25 4.38 -2.55
C ALA A 610 14.57 2.91 -2.61
N ALA A 611 14.20 2.25 -3.70
CA ALA A 611 14.65 0.88 -3.91
C ALA A 611 16.17 0.85 -3.95
N PRO A 612 16.79 -0.15 -3.30
CA PRO A 612 18.26 -0.15 -3.16
C PRO A 612 19.02 -0.13 -4.47
N GLY A 613 18.46 -0.69 -5.53
CA GLY A 613 19.14 -0.66 -6.84
C GLY A 613 18.79 0.50 -7.75
N TYR A 614 17.95 1.43 -7.30
CA TYR A 614 17.41 2.46 -8.16
C TYR A 614 18.28 3.70 -7.98
N HIS A 615 19.30 3.81 -8.82
CA HIS A 615 20.31 4.85 -8.65
C HIS A 615 19.74 6.28 -8.65
N MET A 616 18.91 6.62 -9.63
CA MET A 616 18.31 7.96 -9.71
C MET A 616 17.50 8.33 -8.45
N ALA A 617 16.77 7.38 -7.92
CA ALA A 617 16.02 7.59 -6.68
C ALA A 617 16.95 7.89 -5.50
N LYS A 618 18.10 7.22 -5.47
CA LYS A 618 19.06 7.48 -4.42
C LYS A 618 19.68 8.86 -4.57
N MET A 619 19.89 9.30 -5.81
CA MET A 619 20.44 10.64 -6.05
C MET A 619 19.44 11.73 -5.66
N ILE A 620 18.15 11.46 -5.85
CA ILE A 620 17.08 12.41 -5.45
C ILE A 620 17.08 12.63 -3.93
N ILE A 621 17.24 11.58 -3.15
CA ILE A 621 17.34 11.71 -1.71
C ILE A 621 18.53 12.60 -1.37
N LYS A 622 19.67 12.33 -2.00
CA LYS A 622 20.84 13.12 -1.74
C LYS A 622 20.63 14.59 -2.11
N LEU A 623 19.96 14.87 -3.22
CA LEU A 623 19.64 16.25 -3.58
C LEU A 623 18.79 16.94 -2.50
N ILE A 624 17.80 16.22 -1.96
CA ILE A 624 16.89 16.82 -0.97
C ILE A 624 17.66 17.20 0.30
N THR A 625 18.53 16.31 0.77
CA THR A 625 19.31 16.59 1.97
C THR A 625 20.31 17.71 1.68
N ALA A 626 20.85 17.73 0.46
CA ALA A 626 21.81 18.77 0.05
C ALA A 626 21.18 20.17 0.02
N ILE A 627 19.94 20.26 -0.49
CA ILE A 627 19.15 21.49 -0.46
C ILE A 627 18.95 21.94 0.99
N GLY A 628 18.55 21.01 1.86
CA GLY A 628 18.41 21.29 3.30
C GLY A 628 19.69 21.82 3.96
N ASP A 629 20.83 21.22 3.64
CA ASP A 629 22.10 21.68 4.17
C ASP A 629 22.36 23.14 3.86
N VAL A 630 21.96 23.61 2.68
CA VAL A 630 22.16 25.01 2.31
C VAL A 630 21.09 25.88 2.94
N VAL A 631 19.83 25.54 2.71
CA VAL A 631 18.70 26.37 3.09
C VAL A 631 18.59 26.52 4.60
N ASN A 632 18.75 25.42 5.32
CA ASN A 632 18.49 25.41 6.75
C ASN A 632 19.55 26.15 7.55
N HIS A 633 20.66 26.50 6.91
CA HIS A 633 21.78 27.16 7.59
C HIS A 633 22.09 28.55 7.04
N ASP A 634 21.24 29.05 6.14
CA ASP A 634 21.38 30.42 5.62
C ASP A 634 20.72 31.38 6.62
N PRO A 635 21.53 32.27 7.25
CA PRO A 635 20.97 33.19 8.26
C PRO A 635 19.92 34.14 7.70
N VAL A 636 20.03 34.48 6.42
CA VAL A 636 19.09 35.41 5.81
C VAL A 636 17.69 34.80 5.70
N VAL A 637 17.61 33.48 5.58
CA VAL A 637 16.32 32.81 5.46
C VAL A 637 15.61 32.77 6.78
N GLY A 638 16.38 32.56 7.86
CA GLY A 638 15.82 32.50 9.21
C GLY A 638 14.98 31.26 9.36
N ASP A 639 13.79 31.41 9.93
CA ASP A 639 12.85 30.29 9.98
C ASP A 639 11.67 30.48 9.02
N ARG A 640 11.89 31.20 7.92
CA ARG A 640 10.87 31.34 6.88
C ARG A 640 10.78 30.14 5.93
N LEU A 641 11.84 29.35 5.87
CA LEU A 641 11.86 28.16 5.01
C LEU A 641 12.78 27.13 5.63
N ARG A 642 12.25 25.93 5.87
CA ARG A 642 13.02 24.79 6.34
C ARG A 642 12.70 23.62 5.42
N VAL A 643 13.72 22.83 5.10
CA VAL A 643 13.58 21.61 4.29
C VAL A 643 14.09 20.42 5.07
N ILE A 644 13.18 19.50 5.38
CA ILE A 644 13.46 18.35 6.21
C ILE A 644 13.21 17.08 5.39
N PHE A 645 14.18 16.17 5.41
CA PHE A 645 13.94 14.83 4.88
C PHE A 645 13.54 13.91 6.01
N LEU A 646 12.33 13.37 5.92
CA LEU A 646 11.79 12.51 6.97
C LEU A 646 12.30 11.08 6.75
N GLU A 647 13.15 10.64 7.67
CA GLU A 647 13.83 9.36 7.61
C GLU A 647 12.91 8.19 7.93
N ASN A 648 13.05 7.09 7.19
CA ASN A 648 12.39 5.83 7.48
C ASN A 648 10.85 5.91 7.43
N TYR A 649 10.34 6.59 6.41
CA TYR A 649 8.91 6.66 6.18
C TYR A 649 8.31 5.27 6.08
N ARG A 650 7.24 5.07 6.84
CA ARG A 650 6.62 3.77 7.06
C ARG A 650 5.25 4.06 7.65
N VAL A 651 4.46 3.02 7.87
CA VAL A 651 3.06 3.23 8.27
C VAL A 651 2.98 3.98 9.62
N SER A 652 3.81 3.62 10.59
CA SER A 652 3.72 4.28 11.90
C SER A 652 4.10 5.77 11.80
N LEU A 653 5.04 6.13 10.91
CA LEU A 653 5.38 7.54 10.68
C LEU A 653 4.27 8.30 9.94
N ALA A 654 3.62 7.63 8.99
CA ALA A 654 2.46 8.20 8.28
C ALA A 654 1.37 8.60 9.29
N GLU A 655 1.17 7.74 10.28
CA GLU A 655 0.13 8.00 11.29
C GLU A 655 0.44 9.24 12.10
N LYS A 656 1.71 9.61 12.19
CA LYS A 656 2.13 10.84 12.90
C LYS A 656 2.13 12.09 12.01
N VAL A 657 2.71 12.00 10.82
CA VAL A 657 2.86 13.19 9.96
C VAL A 657 1.59 13.61 9.23
N ILE A 658 0.76 12.65 8.82
CA ILE A 658 -0.41 13.02 8.03
C ILE A 658 -1.39 13.91 8.83
N PRO A 659 -1.66 13.58 10.10
CA PRO A 659 -2.54 14.50 10.86
C PRO A 659 -1.96 15.89 11.04
N ALA A 660 -0.65 16.02 10.93
CA ALA A 660 0.04 17.29 11.09
C ALA A 660 0.16 18.14 9.82
N ALA A 661 -0.20 17.62 8.67
CA ALA A 661 0.08 18.34 7.43
C ALA A 661 -0.96 19.41 7.11
N ASP A 662 -0.52 20.48 6.48
CA ASP A 662 -1.41 21.51 5.95
C ASP A 662 -1.62 21.34 4.45
N LEU A 663 -0.56 20.96 3.74
CA LEU A 663 -0.59 20.82 2.29
C LEU A 663 -0.04 19.44 1.86
N SER A 664 -0.85 18.74 1.08
CA SER A 664 -0.55 17.41 0.56
C SER A 664 -0.08 17.54 -0.91
N GLU A 665 1.14 17.07 -1.20
CA GLU A 665 1.74 17.15 -2.52
C GLU A 665 1.49 15.84 -3.27
N GLN A 666 0.69 15.94 -4.33
CA GLN A 666 0.24 14.81 -5.11
C GLN A 666 0.45 15.16 -6.59
N ILE A 667 1.72 15.11 -7.01
CA ILE A 667 2.20 15.85 -8.19
C ILE A 667 2.82 14.98 -9.29
N SER A 668 2.39 13.73 -9.35
CA SER A 668 2.80 12.82 -10.42
C SER A 668 2.40 13.33 -11.80
N THR A 669 3.17 12.98 -12.82
CA THR A 669 2.77 13.30 -14.18
C THR A 669 1.44 12.66 -14.53
N ALA A 670 0.55 13.45 -15.12
CA ALA A 670 -0.75 12.93 -15.46
C ALA A 670 -0.64 11.62 -16.26
N GLY A 671 -1.36 10.59 -15.80
CA GLY A 671 -1.34 9.26 -16.44
C GLY A 671 -0.44 8.21 -15.80
N THR A 672 0.27 8.55 -14.72
CA THR A 672 1.27 7.64 -14.15
C THR A 672 0.92 7.05 -12.79
N GLU A 673 0.24 7.81 -11.93
CA GLU A 673 -0.19 7.31 -10.63
C GLU A 673 -1.54 6.69 -10.78
N ALA A 674 -1.62 5.36 -10.74
CA ALA A 674 -2.88 4.64 -11.04
C ALA A 674 -4.04 5.14 -10.18
N SER A 675 -3.80 5.29 -8.88
CA SER A 675 -4.78 5.90 -7.99
C SER A 675 -4.12 6.85 -7.04
N GLY A 676 -3.16 6.33 -6.25
CA GLY A 676 -2.74 7.00 -5.04
C GLY A 676 -3.70 6.66 -3.91
N THR A 677 -3.15 6.53 -2.72
CA THR A 677 -3.95 6.41 -1.49
C THR A 677 -3.47 7.35 -0.36
N GLY A 678 -2.20 7.76 -0.33
CA GLY A 678 -1.76 8.83 0.57
C GLY A 678 -2.61 10.07 0.37
N ASN A 679 -2.91 10.37 -0.89
CA ASN A 679 -3.79 11.51 -1.20
C ASN A 679 -5.09 11.51 -0.35
N MET A 680 -5.71 10.35 -0.26
CA MET A 680 -6.97 10.18 0.47
C MET A 680 -6.77 10.35 1.97
N LYS A 681 -5.65 9.84 2.47
CA LYS A 681 -5.31 9.96 3.90
C LYS A 681 -5.18 11.42 4.29
N PHE A 682 -4.52 12.22 3.45
CA PHE A 682 -4.37 13.64 3.75
C PHE A 682 -5.71 14.38 3.71
N MET A 683 -6.58 14.02 2.78
CA MET A 683 -7.86 14.69 2.64
C MET A 683 -8.71 14.49 3.90
N LEU A 684 -8.66 13.28 4.44
CA LEU A 684 -9.49 12.94 5.58
C LEU A 684 -9.01 13.64 6.87
N ASN A 685 -7.74 14.03 6.89
CA ASN A 685 -7.08 14.58 8.07
C ASN A 685 -6.86 16.08 8.04
N GLY A 686 -7.46 16.77 7.09
CA GLY A 686 -7.52 18.23 7.15
C GLY A 686 -6.37 18.96 6.50
N ALA A 687 -5.76 18.34 5.47
CA ALA A 687 -4.83 19.03 4.61
C ALA A 687 -5.53 19.37 3.30
N LEU A 688 -5.10 20.48 2.69
CA LEU A 688 -5.52 20.79 1.32
C LEU A 688 -4.52 20.13 0.39
N THR A 689 -4.93 19.93 -0.86
CA THR A 689 -4.13 19.18 -1.81
C THR A 689 -3.70 20.06 -2.98
N ILE A 690 -2.41 20.03 -3.30
CA ILE A 690 -1.92 20.57 -4.55
C ILE A 690 -1.56 19.36 -5.43
N GLY A 691 -2.17 19.27 -6.59
CA GLY A 691 -1.94 18.10 -7.39
C GLY A 691 -2.34 18.24 -8.85
N THR A 692 -1.84 17.30 -9.63
CA THR A 692 -2.23 17.12 -11.00
C THR A 692 -3.53 16.32 -11.08
N MET A 693 -4.13 16.37 -12.26
CA MET A 693 -5.31 15.57 -12.55
C MET A 693 -4.89 14.14 -12.90
N ASP A 694 -4.46 13.42 -11.86
CA ASP A 694 -3.93 12.07 -12.03
C ASP A 694 -4.57 11.15 -11.00
N GLY A 695 -4.78 9.89 -11.38
CA GLY A 695 -5.30 8.89 -10.46
C GLY A 695 -6.58 9.33 -9.76
N ALA A 696 -6.66 9.08 -8.46
CA ALA A 696 -7.88 9.44 -7.72
C ALA A 696 -7.96 10.92 -7.41
N ASN A 697 -6.90 11.69 -7.66
CA ASN A 697 -6.96 13.15 -7.48
C ASN A 697 -8.14 13.72 -8.27
N VAL A 698 -8.39 13.17 -9.45
CA VAL A 698 -9.50 13.61 -10.28
C VAL A 698 -10.86 13.49 -9.57
N GLU A 699 -11.07 12.35 -8.93
CA GLU A 699 -12.31 12.05 -8.23
C GLU A 699 -12.37 12.81 -6.92
N MET A 700 -11.23 13.04 -6.28
CA MET A 700 -11.24 13.87 -5.06
C MET A 700 -11.67 15.30 -5.35
N ALA A 701 -11.15 15.87 -6.43
CA ALA A 701 -11.53 17.24 -6.83
C ALA A 701 -13.00 17.32 -7.23
N GLU A 702 -13.50 16.28 -7.87
CA GLU A 702 -14.90 16.18 -8.27
C GLU A 702 -15.81 16.15 -7.04
N GLU A 703 -15.42 15.38 -6.04
CA GLU A 703 -16.20 15.29 -4.80
C GLU A 703 -16.20 16.60 -4.03
N ALA A 704 -15.03 17.20 -3.84
CA ALA A 704 -14.91 18.42 -3.04
C ALA A 704 -15.30 19.71 -3.79
N GLY A 705 -15.28 19.66 -5.12
CA GLY A 705 -15.35 20.86 -5.94
C GLY A 705 -13.98 21.36 -6.32
N GLU A 706 -13.78 21.63 -7.61
CA GLU A 706 -12.49 22.10 -8.10
C GLU A 706 -12.00 23.38 -7.43
N GLU A 707 -12.94 24.24 -7.00
CA GLU A 707 -12.57 25.48 -6.31
C GLU A 707 -11.93 25.21 -4.95
N ASN A 708 -12.07 23.98 -4.45
CA ASN A 708 -11.55 23.65 -3.13
C ASN A 708 -10.32 22.74 -3.19
N PHE A 709 -9.67 22.76 -4.35
CA PHE A 709 -8.52 21.93 -4.66
C PHE A 709 -7.53 22.77 -5.44
N PHE A 710 -6.24 22.56 -5.24
CA PHE A 710 -5.24 23.33 -5.98
C PHE A 710 -4.73 22.47 -7.13
N ILE A 711 -5.44 22.53 -8.23
CA ILE A 711 -5.14 21.74 -9.42
C ILE A 711 -4.25 22.53 -10.35
N PHE A 712 -3.22 21.87 -10.89
CA PHE A 712 -2.36 22.51 -11.87
C PHE A 712 -1.85 21.47 -12.86
N GLY A 713 -1.28 21.96 -13.95
CA GLY A 713 -0.48 21.13 -14.83
C GLY A 713 -1.18 20.47 -15.98
N MET A 714 -0.38 19.75 -16.75
CA MET A 714 -0.90 19.01 -17.89
C MET A 714 -1.92 17.97 -17.46
N ARG A 715 -2.98 17.85 -18.24
CA ARG A 715 -3.86 16.69 -18.17
C ARG A 715 -3.29 15.58 -19.05
N VAL A 716 -3.89 14.41 -18.98
CA VAL A 716 -3.37 13.27 -19.75
C VAL A 716 -3.30 13.61 -21.24
N GLU A 717 -4.31 14.29 -21.75
CA GLU A 717 -4.39 14.68 -23.17
C GLU A 717 -3.26 15.64 -23.56
N ASP A 718 -2.85 16.49 -22.61
CA ASP A 718 -1.75 17.42 -22.86
C ASP A 718 -0.42 16.66 -22.91
N VAL A 719 -0.28 15.62 -22.09
CA VAL A 719 0.93 14.82 -22.13
C VAL A 719 1.08 14.12 -23.49
N ASP A 720 -0.02 13.55 -23.97
CA ASP A 720 -0.06 12.88 -25.28
C ASP A 720 0.31 13.82 -26.43
N ARG A 721 -0.23 15.03 -26.39
CA ARG A 721 0.10 16.07 -27.38
C ARG A 721 1.58 16.39 -27.41
N LEU A 722 2.17 16.59 -26.22
CA LEU A 722 3.60 16.83 -26.12
C LEU A 722 4.44 15.67 -26.64
N ASP A 723 4.04 14.44 -26.32
CA ASP A 723 4.76 13.25 -26.81
C ASP A 723 4.68 13.17 -28.35
N GLN A 724 3.57 13.61 -28.92
CA GLN A 724 3.39 13.55 -30.37
C GLN A 724 4.30 14.52 -31.09
N ARG A 725 4.47 15.73 -30.57
CA ARG A 725 5.42 16.63 -31.23
C ARG A 725 6.85 16.52 -30.70
N GLY A 726 7.03 15.87 -29.54
CA GLY A 726 8.36 15.62 -28.99
C GLY A 726 8.71 16.56 -27.85
N TYR A 727 8.99 15.98 -26.68
CA TYR A 727 9.31 16.79 -25.52
C TYR A 727 10.72 17.31 -25.63
N ASN A 728 10.88 18.62 -25.65
CA ASN A 728 12.19 19.24 -25.67
C ASN A 728 12.36 20.11 -24.44
N ALA A 729 13.11 19.60 -23.46
CA ALA A 729 13.30 20.29 -22.19
C ALA A 729 14.04 21.63 -22.34
N GLN A 730 14.94 21.69 -23.33
CA GLN A 730 15.75 22.89 -23.60
C GLN A 730 14.87 24.13 -23.82
N GLU A 731 13.72 23.95 -24.45
CA GLU A 731 12.78 25.05 -24.67
C GLU A 731 12.40 25.75 -23.37
N TYR A 732 12.07 24.96 -22.33
CA TYR A 732 11.66 25.52 -21.04
C TYR A 732 12.82 26.24 -20.36
N TYR A 733 13.99 25.61 -20.37
CA TYR A 733 15.23 26.22 -19.87
C TYR A 733 15.50 27.59 -20.53
N ASP A 734 15.29 27.65 -21.84
CA ASP A 734 15.56 28.87 -22.60
C ASP A 734 14.58 30.00 -22.29
N ARG A 735 13.33 29.65 -21.97
CA ARG A 735 12.26 30.64 -21.82
C ARG A 735 11.97 31.05 -20.38
N ILE A 736 12.48 30.30 -19.40
CA ILE A 736 12.12 30.57 -18.00
C ILE A 736 13.36 30.85 -17.20
N PRO A 737 13.62 32.15 -16.91
CA PRO A 737 14.91 32.48 -16.29
C PRO A 737 15.09 31.90 -14.89
N GLU A 738 14.02 31.85 -14.10
CA GLU A 738 14.10 31.24 -12.77
C GLU A 738 14.53 29.76 -12.82
N LEU A 739 14.05 29.05 -13.85
CA LEU A 739 14.44 27.65 -14.06
C LEU A 739 15.89 27.51 -14.51
N ARG A 740 16.33 28.36 -15.42
CA ARG A 740 17.72 28.37 -15.85
C ARG A 740 18.66 28.58 -14.68
N GLN A 741 18.34 29.54 -13.82
CA GLN A 741 19.17 29.79 -12.65
C GLN A 741 19.34 28.52 -11.78
N ILE A 742 18.26 27.79 -11.59
CA ILE A 742 18.33 26.58 -10.74
C ILE A 742 19.23 25.51 -11.36
N ILE A 743 19.08 25.30 -12.66
CA ILE A 743 19.90 24.31 -13.35
C ILE A 743 21.37 24.72 -13.30
N GLU A 744 21.65 26.00 -13.45
CA GLU A 744 23.02 26.48 -13.36
C GLU A 744 23.59 26.26 -11.95
N GLN A 745 22.77 26.50 -10.93
CA GLN A 745 23.20 26.21 -9.56
C GLN A 745 23.52 24.73 -9.36
N LEU A 746 22.67 23.85 -9.88
CA LEU A 746 22.87 22.42 -9.76
C LEU A 746 24.14 22.00 -10.46
N SER A 747 24.30 22.46 -11.70
CA SER A 747 25.44 22.07 -12.52
C SER A 747 26.75 22.56 -11.93
N SER A 748 26.75 23.78 -11.39
CA SER A 748 27.98 24.45 -11.00
C SER A 748 28.51 24.03 -9.62
N GLY A 749 27.71 23.31 -8.84
CA GLY A 749 28.16 22.86 -7.52
C GLY A 749 27.71 23.72 -6.35
N PHE A 750 26.73 24.59 -6.57
CA PHE A 750 26.16 25.41 -5.50
C PHE A 750 25.68 24.56 -4.33
N PHE A 751 25.01 23.45 -4.62
CA PHE A 751 24.51 22.53 -3.58
C PHE A 751 25.45 21.39 -3.21
N SER A 752 26.66 21.38 -3.76
CA SER A 752 27.68 20.39 -3.41
C SER A 752 29.10 20.96 -3.63
N PRO A 753 29.54 21.91 -2.78
CA PRO A 753 30.79 22.63 -2.99
C PRO A 753 32.03 21.75 -3.15
N LYS A 754 32.14 20.70 -2.34
CA LYS A 754 33.32 19.84 -2.37
C LYS A 754 33.30 18.84 -3.54
N GLN A 755 32.12 18.59 -4.10
CA GLN A 755 31.97 17.70 -5.23
C GLN A 755 31.07 18.40 -6.24
N PRO A 756 31.64 19.35 -7.01
CA PRO A 756 30.85 20.22 -7.90
C PRO A 756 29.99 19.50 -8.95
N ASP A 757 30.42 18.33 -9.39
CA ASP A 757 29.68 17.58 -10.43
C ASP A 757 28.75 16.50 -9.86
N LEU A 758 28.46 16.54 -8.56
CA LEU A 758 27.71 15.48 -7.88
C LEU A 758 26.36 15.21 -8.55
N PHE A 759 25.67 16.28 -8.96
CA PHE A 759 24.30 16.17 -9.50
C PHE A 759 24.21 16.16 -11.02
N LYS A 760 25.33 15.86 -11.69
CA LYS A 760 25.37 15.85 -13.15
C LYS A 760 24.36 14.87 -13.76
N ASP A 761 24.18 13.70 -13.15
CA ASP A 761 23.25 12.72 -13.68
C ASP A 761 21.84 13.29 -13.64
N ILE A 762 21.52 14.04 -12.58
CA ILE A 762 20.19 14.61 -12.44
C ILE A 762 19.94 15.67 -13.49
N VAL A 763 20.90 16.58 -13.66
CA VAL A 763 20.78 17.64 -14.68
C VAL A 763 20.68 17.04 -16.07
N ASN A 764 21.50 16.02 -16.34
CA ASN A 764 21.49 15.37 -17.66
C ASN A 764 20.13 14.72 -17.94
N MET A 765 19.56 14.07 -16.95
CA MET A 765 18.25 13.45 -17.11
C MET A 765 17.19 14.51 -17.40
N LEU A 766 17.18 15.57 -16.59
CA LEU A 766 16.18 16.63 -16.74
C LEU A 766 16.21 17.30 -18.12
N MET A 767 17.43 17.53 -18.61
CA MET A 767 17.64 18.23 -19.88
C MET A 767 17.46 17.35 -21.13
N HIS A 768 17.77 16.05 -21.04
CA HIS A 768 17.82 15.18 -22.24
C HIS A 768 17.00 13.89 -22.25
N HIS A 769 16.60 13.35 -21.11
CA HIS A 769 15.80 12.11 -21.16
C HIS A 769 14.85 11.97 -19.98
N ASP A 770 14.07 13.02 -19.78
CA ASP A 770 13.09 13.03 -18.72
C ASP A 770 11.76 12.49 -19.25
N ARG A 771 11.44 11.24 -18.91
CA ARG A 771 10.19 10.63 -19.32
C ARG A 771 8.95 11.25 -18.67
N PHE A 772 9.16 12.00 -17.58
CA PHE A 772 8.05 12.53 -16.77
C PHE A 772 7.80 14.04 -16.82
N LYS A 773 8.56 14.72 -17.68
CA LYS A 773 8.25 16.08 -18.10
C LYS A 773 8.16 17.08 -16.94
N VAL A 774 9.19 17.05 -16.09
CA VAL A 774 9.28 17.89 -14.91
C VAL A 774 9.21 19.37 -15.28
N PHE A 775 10.02 19.80 -16.25
CA PHE A 775 10.01 21.19 -16.68
C PHE A 775 8.67 21.65 -17.23
N ALA A 776 7.93 20.76 -17.91
CA ALA A 776 6.67 21.15 -18.55
C ALA A 776 5.61 21.65 -17.57
N ASP A 777 5.68 21.19 -16.32
CA ASP A 777 4.68 21.56 -15.31
C ASP A 777 5.20 22.59 -14.30
N TYR A 778 6.43 23.04 -14.48
CA TYR A 778 7.12 23.89 -13.50
C TYR A 778 6.45 25.24 -13.31
N GLU A 779 6.18 25.94 -14.41
CA GLU A 779 5.57 27.29 -14.31
C GLU A 779 4.20 27.24 -13.62
N GLU A 780 3.32 26.36 -14.10
CA GLU A 780 1.99 26.23 -13.51
C GLU A 780 2.04 25.81 -12.04
N TYR A 781 3.00 24.95 -11.70
CA TYR A 781 3.20 24.49 -10.32
C TYR A 781 3.59 25.65 -9.39
N VAL A 782 4.58 26.43 -9.81
CA VAL A 782 5.02 27.57 -9.01
C VAL A 782 3.88 28.59 -8.79
N LYS A 783 3.12 28.88 -9.83
CA LYS A 783 1.98 29.80 -9.74
C LYS A 783 0.91 29.27 -8.81
N CYS A 784 0.64 27.97 -8.91
CA CYS A 784 -0.37 27.36 -8.04
C CYS A 784 0.07 27.41 -6.56
N GLN A 785 1.36 27.21 -6.32
CA GLN A 785 1.93 27.29 -4.97
C GLN A 785 1.75 28.71 -4.38
N GLU A 786 1.83 29.73 -5.24
CA GLU A 786 1.57 31.11 -4.78
C GLU A 786 0.13 31.26 -4.33
N ARG A 787 -0.81 30.63 -5.02
CA ARG A 787 -2.20 30.70 -4.58
C ARG A 787 -2.39 30.00 -3.23
N VAL A 788 -1.65 28.93 -3.00
CA VAL A 788 -1.68 28.23 -1.72
C VAL A 788 -1.26 29.16 -0.59
N SER A 789 -0.12 29.83 -0.78
CA SER A 789 0.42 30.75 0.20
C SER A 789 -0.53 31.91 0.48
N ALA A 790 -1.20 32.41 -0.55
CA ALA A 790 -2.16 33.50 -0.39
C ALA A 790 -3.34 33.07 0.47
N LEU A 791 -3.84 31.85 0.24
CA LEU A 791 -4.95 31.37 1.05
C LEU A 791 -4.52 31.11 2.50
N TYR A 792 -3.27 30.68 2.71
CA TYR A 792 -2.83 30.33 4.07
C TYR A 792 -2.77 31.57 4.98
N LYS A 793 -2.51 32.73 4.37
CA LYS A 793 -2.57 34.03 5.06
C LYS A 793 -3.93 34.43 5.62
N ASN A 794 -4.99 33.75 5.19
CA ASN A 794 -6.35 33.96 5.71
C ASN A 794 -6.87 32.69 6.41
N PRO A 795 -6.47 32.47 7.68
CA PRO A 795 -6.77 31.27 8.47
C PRO A 795 -8.21 30.80 8.40
N ARG A 796 -9.16 31.74 8.42
CA ARG A 796 -10.56 31.37 8.43
C ARG A 796 -11.00 30.75 7.12
N GLU A 797 -10.59 31.33 6.00
CA GLU A 797 -10.97 30.79 4.70
C GLU A 797 -10.20 29.50 4.37
N TRP A 798 -8.94 29.43 4.77
CA TRP A 798 -8.19 28.17 4.71
C TRP A 798 -8.96 27.07 5.43
N THR A 799 -9.33 27.30 6.69
CA THR A 799 -10.08 26.31 7.45
C THR A 799 -11.43 25.97 6.85
N ARG A 800 -12.13 26.94 6.27
CA ARG A 800 -13.39 26.64 5.65
C ARG A 800 -13.19 25.72 4.45
N MET A 801 -12.14 25.94 3.68
CA MET A 801 -11.87 25.05 2.54
C MET A 801 -11.53 23.63 3.03
N VAL A 802 -10.77 23.55 4.13
CA VAL A 802 -10.46 22.26 4.78
C VAL A 802 -11.76 21.54 5.13
N ILE A 803 -12.71 22.25 5.75
CA ILE A 803 -13.96 21.60 6.11
C ILE A 803 -14.71 21.06 4.90
N ARG A 804 -14.66 21.78 3.80
CA ARG A 804 -15.26 21.28 2.56
C ARG A 804 -14.57 20.01 2.02
N ASN A 805 -13.28 19.88 2.26
CA ASN A 805 -12.54 18.64 1.89
C ASN A 805 -12.88 17.46 2.81
N ILE A 806 -12.78 17.67 4.12
CA ILE A 806 -13.11 16.60 5.04
C ILE A 806 -14.52 16.11 4.81
N ALA A 807 -15.46 17.05 4.61
CA ALA A 807 -16.86 16.72 4.47
C ALA A 807 -17.22 15.88 3.24
N THR A 808 -16.38 15.94 2.22
CA THR A 808 -16.61 15.25 0.96
C THR A 808 -15.64 14.07 0.76
N SER A 809 -14.98 13.63 1.83
CA SER A 809 -14.00 12.53 1.73
C SER A 809 -14.64 11.13 1.82
N GLY A 810 -15.96 11.07 2.07
CA GLY A 810 -16.64 9.82 2.33
C GLY A 810 -16.48 8.75 1.25
N LYS A 811 -16.46 9.17 -0.01
CA LYS A 811 -16.37 8.22 -1.11
C LYS A 811 -15.09 7.36 -1.01
N PHE A 812 -14.08 7.90 -0.34
CA PHE A 812 -12.74 7.30 -0.29
C PHE A 812 -12.50 6.35 0.87
N SER A 813 -13.58 5.98 1.56
CA SER A 813 -13.55 4.86 2.47
C SER A 813 -13.37 3.54 1.71
N SER A 814 -12.46 2.70 2.20
CA SER A 814 -12.34 1.36 1.67
C SER A 814 -13.57 0.48 1.93
N ASP A 815 -14.44 0.87 2.86
CA ASP A 815 -15.74 0.21 2.99
C ASP A 815 -16.59 0.34 1.71
N ARG A 816 -16.55 1.50 1.08
CA ARG A 816 -17.26 1.74 -0.18
C ARG A 816 -16.62 0.88 -1.27
N THR A 817 -15.29 0.94 -1.37
CA THR A 817 -14.57 0.12 -2.34
C THR A 817 -14.94 -1.36 -2.21
N ILE A 818 -14.85 -1.92 -1.01
CA ILE A 818 -15.08 -3.35 -0.80
C ILE A 818 -16.55 -3.73 -1.05
N ALA A 819 -17.49 -2.87 -0.70
CA ALA A 819 -18.89 -3.13 -1.05
C ALA A 819 -19.08 -3.28 -2.56
N GLN A 820 -18.35 -2.47 -3.34
CA GLN A 820 -18.41 -2.58 -4.80
C GLN A 820 -17.77 -3.84 -5.35
N TYR A 821 -16.58 -4.21 -4.83
CA TYR A 821 -16.04 -5.52 -5.20
C TYR A 821 -17.03 -6.66 -4.88
N ALA A 822 -17.58 -6.62 -3.69
CA ALA A 822 -18.50 -7.67 -3.22
C ALA A 822 -19.70 -7.82 -4.16
N ARG A 823 -20.34 -6.71 -4.50
CA ARG A 823 -21.56 -6.77 -5.29
C ARG A 823 -21.32 -7.00 -6.77
N GLU A 824 -20.26 -6.38 -7.30
CA GLU A 824 -20.04 -6.32 -8.75
C GLU A 824 -19.05 -7.33 -9.27
N ILE A 825 -18.22 -7.90 -8.39
CA ILE A 825 -17.25 -8.91 -8.80
C ILE A 825 -17.46 -10.26 -8.10
N TRP A 826 -17.56 -10.25 -6.79
CA TRP A 826 -17.55 -11.49 -6.00
C TRP A 826 -18.93 -12.11 -5.86
N GLY A 827 -19.98 -11.32 -6.03
CA GLY A 827 -21.35 -11.85 -5.96
C GLY A 827 -21.76 -12.18 -4.53
N VAL A 828 -21.38 -11.33 -3.59
CA VAL A 828 -21.78 -11.51 -2.18
C VAL A 828 -22.26 -10.18 -1.65
N GLU A 829 -23.15 -10.25 -0.65
CA GLU A 829 -23.72 -9.04 -0.04
C GLU A 829 -23.02 -8.74 1.26
N PRO A 830 -22.55 -7.50 1.42
CA PRO A 830 -21.99 -7.11 2.71
C PRO A 830 -23.05 -7.09 3.80
N SER A 831 -22.60 -7.15 5.05
CA SER A 831 -23.51 -7.08 6.19
C SER A 831 -22.86 -6.25 7.30
N ARG A 832 -23.63 -5.35 7.88
CA ARG A 832 -23.17 -4.57 9.03
C ARG A 832 -23.70 -5.16 10.35
N GLN A 833 -24.30 -6.34 10.28
CA GLN A 833 -24.88 -6.99 11.46
C GLN A 833 -23.80 -7.65 12.34
N ARG A 834 -23.95 -7.45 13.65
CA ARG A 834 -23.01 -7.93 14.65
C ARG A 834 -23.19 -9.41 14.89
N LEU A 835 -22.09 -10.13 15.09
CA LEU A 835 -22.16 -11.49 15.64
C LEU A 835 -22.28 -11.35 17.15
N PRO A 836 -22.85 -12.37 17.83
CA PRO A 836 -23.00 -12.28 19.28
C PRO A 836 -21.66 -12.38 19.99
N ALA A 837 -21.44 -11.52 20.99
CA ALA A 837 -20.15 -11.45 21.71
C ALA A 837 -19.86 -12.73 22.47
O3' KS2 B . -1.12 4.44 -7.69
C3' KS2 B . -0.69 3.41 -6.78
C4' KS2 B . -1.90 2.70 -6.20
O4' KS2 B . -2.64 3.62 -5.40
C2' KS2 B . 0.23 2.37 -7.48
O2' KS2 B . 1.43 3.00 -7.95
C1' KS2 B . 0.53 1.20 -6.56
O5' KS2 B . -0.70 0.54 -6.21
C5' KS2 B . -1.55 1.42 -5.42
C6' KS2 B . -2.77 0.64 -4.95
O6' KS2 B . -3.70 0.43 -6.01
C1 KS2 B . 1.34 0.16 -7.23
N5 KS2 B . 2.30 -0.60 -6.69
C4 KS2 B . 2.72 -1.46 -7.68
N3 KS2 B . 2.04 -1.24 -8.80
N2 KS2 B . 1.16 -0.20 -8.52
C6 KS2 B . 3.80 -2.46 -7.54
C11 KS2 B . 4.32 -2.72 -6.29
C10 KS2 B . 5.34 -3.66 -6.14
C9 KS2 B . 5.80 -4.31 -7.28
C12 KS2 B . 6.92 -5.32 -7.10
C8 KS2 B . 5.28 -4.05 -8.54
C7 KS2 B . 4.25 -3.13 -8.70
N1 PLP C . 3.60 4.18 2.03
C2 PLP C . 3.02 4.21 3.23
C2A PLP C . 3.79 3.86 4.46
C3 PLP C . 1.60 4.58 3.33
O3 PLP C . 0.98 4.62 4.54
C4 PLP C . 0.90 4.90 2.08
C4A PLP C . -0.54 5.28 2.04
C5 PLP C . 1.63 4.81 0.81
C6 PLP C . 2.96 4.46 0.86
C5A PLP C . 0.96 5.17 -0.49
O4P PLP C . 1.25 6.56 -0.68
P PLP C . 1.02 7.18 -2.18
O1P PLP C . 1.22 8.64 -1.92
O2P PLP C . 2.11 6.55 -2.97
O3P PLP C . -0.37 6.80 -2.62
S DMS D . -14.40 -26.52 11.63
O DMS D . -13.48 -27.42 10.86
C1 DMS D . -15.21 -27.47 12.82
C2 DMS D . -13.56 -25.34 12.55
S DMS E . -10.50 -23.90 8.65
O DMS E . -11.23 -23.89 9.95
C1 DMS E . -8.85 -23.62 8.98
C2 DMS E . -10.51 -25.51 8.13
#